data_8XJN
#
_entry.id   8XJN
#
_cell.length_a   1.00
_cell.length_b   1.00
_cell.length_c   1.00
_cell.angle_alpha   90.00
_cell.angle_beta   90.00
_cell.angle_gamma   90.00
#
_symmetry.space_group_name_H-M   'P 1'
#
loop_
_entity.id
_entity.type
_entity.pdbx_description
1 polymer 'Engineered miniGq'
2 polymer 'Guanine nucleotide-binding protein G(I)/G(S)/G(T) subunit beta-1'
3 polymer 'Guanine nucleotide-binding protein G(I)/G(S)/G(O) subunit gamma-2'
4 polymer 'Antibody fragment scFv16'
5 polymer 'Fusion tag,Thromboxane A2 receptor,LgBiT'
6 non-polymer Cloprostenol
#
loop_
_entity_poly.entity_id
_entity_poly.type
_entity_poly.pdbx_seq_one_letter_code
_entity_poly.pdbx_strand_id
1 'polypeptide(L)'
;MGCTLSAEDKAAVERSKMIEKQLQKDKQVYRRTLRLLLLGADNSGKSTIVKQMRILHGGSGGSGGTSGIFETKFQVDKVN
FHMFDVGAQRDERRKWIQCFNDVTAIIFVVDSSDYNRLQEALNDFKSIWNNRWLRTISVILFLNKQDLLAEKVLAGKSKI
EDYFPEFARYTTPEDATPEPGEDPRVTRAKYFIRKEFVDISTASGDGRHICYPHFTCSVDTENARRIFNDCKDIILQMNL
REYNLV
;
A
2 'polypeptide(L)'
;MHHHHHHGSSGSELDQLRQEAEQLKNQIRDARKACADATLSQITNNIDPVGRIQMRTRRTLRGHLAKIYAMHWGTDSRLL
VSASQDGKLIIWDSYTTNKVHAIPLRSSWVMTCAYAPSGNYVACGGLDNICSIYNLKTREGNVRVSRELAGHTGYLSCCR
FLDDNQIVTSSGDTTCALWDIETGQQTTTFTGHTGDVMSLSLAPDTRLFVSGACDASAKLWDVREGMCRQTFTGHESDIN
AICFFPNGNAFATGSDDATCRLFDLRADQELMTYSHDNIICGITSVSFSKSGRLLLAGYDDFNCNVWDALKADRAGVLAG
HDNRVSCLGVTDDGMAVATGSWDSFLKIWNGSSGGGGSGGGGSSGVSGWRLFKKIS
;
B
3 'polypeptide(L)' MASNNTASIAQARKLVEQLKMEANIDRIKVSKAAADLMAYCEAHAKEDPLLTPVPASENPFREKKFFCAIL C
4 'polypeptide(L)'
;DVQLVESGGGLVQPGGSRKLSCSASGFAFSSFGMHWVRQAPEKGLEWVAYISSGSGTIYYADTVKGRFTISRDDPKNTLF
LQMTSLRSEDTAMYYCVRSIYYYGSSPFDFWGQGTTLTVSSGGGGSGGGGSGGGGSDIVMTQATSSVPVTPGESVSISCR
SSKSLLHSNGNTYLYWFLQRPGQSPQLLIYRMSNLASGVPDRFSGSGSGTAFTLTISRLEAEDVGVYYCMQHLEYPLTFG
AGTKLELLEENLYFQ
;
E
5 'polypeptide(L)'
;DYKDDDDHHHHHHHHGQPGNGSAFLLAPNGSHAPDHNVTQQRDEENLYFQGVDMWPNGSSLGPCFRPTNITLEERRLIAS
PWFAASFCVVGLASNLLALSVLAGARQGGSHTRSSFLTFLCGLVLTDFLGLLVTGTIVVSQHAALFEWHAVDPGCRLCRF
MGVVMIFFGLSPLLLGAAMASERYLGITRPFSRPAVASQRRAWATVGLVWAAALALGLLPLLGVGRYTVQYPGSWCFLTL
GAESGDVAFGLLFSMLGGLSVGLSFLLNTVSVATLCHVYHGQEAAQQRPRDSEVEMMAQLLGIMVVASVCWLPLLVFIAQ
TVLRNPPAMSPAGQLSRTTEKELLIYLRVATWNQILDPWVYILFRRAVLRRLQPRLSTRPRSLSHMGSSGGGGSGGGGSS
GVFTLEDFVGDWEQTAAYNLDQVLEQGGVSSLLQNLAVSVTPIQRIVRSGENALKIDIHVIIPYEGLSADQMAQIEEVFK
VVYPVDDHHFKVILPYGTLVIDGVTPNMLNYFGRPYEGIAVFDGKKITVTGTLWNGNKIIDERLITPDGSMLFRVTINS
;
R
#
loop_
_chem_comp.id
_chem_comp.type
_chem_comp.name
_chem_comp.formula
A1D5A non-polymer Cloprostenol 'C22 H29 Cl O6'
#
# COMPACT_ATOMS: atom_id res chain seq x y z
N LEU A 5 -6.25 13.05 -23.47
CA LEU A 5 -4.93 12.45 -23.63
C LEU A 5 -4.45 12.55 -25.08
N SER A 6 -3.14 12.40 -25.26
CA SER A 6 -2.55 12.34 -26.58
C SER A 6 -2.22 10.88 -26.93
N ALA A 7 -1.58 10.68 -28.07
CA ALA A 7 -1.27 9.32 -28.51
C ALA A 7 -0.22 8.68 -27.62
N GLU A 8 0.76 9.46 -27.15
CA GLU A 8 1.78 8.91 -26.27
C GLU A 8 1.27 8.73 -24.84
N ASP A 9 0.34 9.58 -24.39
CA ASP A 9 -0.21 9.43 -23.06
C ASP A 9 -1.00 8.14 -22.92
N LYS A 10 -1.79 7.78 -23.94
CA LYS A 10 -2.54 6.53 -23.88
C LYS A 10 -1.59 5.34 -23.83
N ALA A 11 -0.48 5.42 -24.56
CA ALA A 11 0.55 4.38 -24.47
C ALA A 11 1.23 4.39 -23.10
N ALA A 12 1.43 5.59 -22.53
CA ALA A 12 2.01 5.68 -21.20
C ALA A 12 1.09 5.07 -20.15
N VAL A 13 -0.21 5.36 -20.23
CA VAL A 13 -1.16 4.79 -19.28
C VAL A 13 -1.23 3.28 -19.44
N GLU A 14 -1.09 2.79 -20.68
CA GLU A 14 -1.09 1.35 -20.90
C GLU A 14 0.14 0.70 -20.25
N ARG A 15 1.29 1.38 -20.31
CA ARG A 15 2.46 0.88 -19.60
C ARG A 15 2.24 0.85 -18.09
N SER A 16 1.60 1.90 -17.56
CA SER A 16 1.33 1.96 -16.13
C SER A 16 0.38 0.86 -15.70
N LYS A 17 -0.59 0.52 -16.55
CA LYS A 17 -1.54 -0.54 -16.22
C LYS A 17 -0.91 -1.93 -16.36
N MET A 18 0.10 -2.08 -17.21
CA MET A 18 0.82 -3.34 -17.27
C MET A 18 1.76 -3.52 -16.09
N ILE A 19 2.24 -2.43 -15.50
CA ILE A 19 3.00 -2.51 -14.27
C ILE A 19 2.10 -2.93 -13.11
N GLU A 20 0.89 -2.38 -13.07
CA GLU A 20 -0.06 -2.78 -12.02
C GLU A 20 -0.43 -4.25 -12.12
N LYS A 21 -0.59 -4.76 -13.35
CA LYS A 21 -0.86 -6.18 -13.52
C LYS A 21 0.30 -7.02 -13.01
N GLN A 22 1.53 -6.55 -13.21
CA GLN A 22 2.69 -7.25 -12.67
C GLN A 22 2.75 -7.15 -11.15
N LEU A 23 2.32 -6.02 -10.59
CA LEU A 23 2.23 -5.90 -9.14
C LEU A 23 1.13 -6.78 -8.57
N GLN A 24 0.06 -7.01 -9.33
CA GLN A 24 -1.03 -7.85 -8.84
C GLN A 24 -0.56 -9.30 -8.65
N LYS A 25 0.24 -9.82 -9.57
CA LYS A 25 0.77 -11.16 -9.43
C LYS A 25 1.64 -11.29 -8.17
N ASP A 26 2.40 -10.24 -7.86
CA ASP A 26 3.26 -10.27 -6.69
C ASP A 26 2.46 -10.15 -5.40
N LYS A 27 1.32 -9.46 -5.45
CA LYS A 27 0.50 -9.29 -4.27
C LYS A 27 -0.13 -10.62 -3.84
N GLN A 28 -0.53 -11.46 -4.80
CA GLN A 28 -1.12 -12.75 -4.46
C GLN A 28 -0.13 -13.64 -3.73
N VAL A 29 1.13 -13.64 -4.17
CA VAL A 29 2.16 -14.43 -3.49
C VAL A 29 2.47 -13.83 -2.12
N TYR A 30 2.44 -12.50 -2.02
CA TYR A 30 2.87 -11.83 -0.80
C TYR A 30 1.92 -12.13 0.36
N ARG A 31 0.60 -12.00 0.10
CA ARG A 31 -0.37 -12.13 1.17
C ARG A 31 -0.54 -13.58 1.62
N ARG A 32 -0.28 -14.54 0.74
CA ARG A 32 -0.46 -15.95 1.08
C ARG A 32 0.70 -16.52 1.87
N THR A 33 1.78 -15.78 2.04
CA THR A 33 2.97 -16.26 2.74
C THR A 33 3.04 -15.64 4.12
N LEU A 34 3.28 -16.47 5.13
CA LEU A 34 3.43 -16.02 6.51
C LEU A 34 4.89 -15.74 6.78
N ARG A 35 5.17 -14.57 7.37
CA ARG A 35 6.53 -14.14 7.65
C ARG A 35 6.78 -14.18 9.15
N LEU A 36 7.85 -14.87 9.54
CA LEU A 36 8.21 -15.07 10.94
C LEU A 36 9.55 -14.40 11.21
N LEU A 37 9.63 -13.67 12.31
CA LEU A 37 10.89 -13.06 12.75
C LEU A 37 11.53 -13.97 13.78
N LEU A 38 12.76 -14.42 13.50
CA LEU A 38 13.46 -15.34 14.36
C LEU A 38 14.49 -14.57 15.19
N LEU A 39 14.33 -14.61 16.51
CA LEU A 39 15.22 -13.90 17.42
C LEU A 39 15.84 -14.88 18.40
N GLY A 40 16.96 -14.46 18.99
CA GLY A 40 17.68 -15.31 19.91
C GLY A 40 19.05 -14.75 20.19
N ALA A 41 19.90 -15.59 20.78
CA ALA A 41 21.29 -15.26 21.06
C ALA A 41 22.21 -16.17 20.25
N ASP A 42 23.52 -15.94 20.38
CA ASP A 42 24.49 -16.77 19.68
C ASP A 42 24.46 -18.21 20.19
N ASN A 43 24.33 -18.39 21.50
CA ASN A 43 24.30 -19.72 22.10
C ASN A 43 22.91 -20.36 22.05
N SER A 44 21.89 -19.63 21.57
CA SER A 44 20.54 -20.17 21.53
C SER A 44 20.41 -21.35 20.58
N GLY A 45 21.29 -21.45 19.58
CA GLY A 45 21.15 -22.51 18.59
C GLY A 45 20.04 -22.29 17.59
N LYS A 46 19.62 -21.04 17.38
CA LYS A 46 18.56 -20.76 16.42
C LYS A 46 18.99 -21.11 15.00
N SER A 47 20.27 -20.93 14.68
CA SER A 47 20.74 -21.24 13.33
C SER A 47 20.61 -22.72 13.02
N THR A 48 20.71 -23.58 14.04
CA THR A 48 20.52 -25.01 13.82
C THR A 48 19.05 -25.36 13.62
N ILE A 49 18.15 -24.66 14.33
CA ILE A 49 16.72 -24.95 14.22
C ILE A 49 16.23 -24.67 12.80
N VAL A 50 16.63 -23.52 12.24
CA VAL A 50 16.20 -23.17 10.90
C VAL A 50 16.85 -24.10 9.87
N LYS A 51 18.11 -24.48 10.11
CA LYS A 51 18.82 -25.36 9.18
C LYS A 51 18.15 -26.72 9.07
N GLN A 52 17.70 -27.28 10.21
CA GLN A 52 17.06 -28.58 10.18
C GLN A 52 15.74 -28.53 9.41
N MET A 53 14.96 -27.47 9.60
CA MET A 53 13.69 -27.34 8.89
C MET A 53 13.88 -27.09 7.40
N ARG A 54 15.02 -26.56 6.99
CA ARG A 54 15.29 -26.27 5.59
C ARG A 54 15.81 -27.52 4.88
N GLY A 68 23.65 -9.33 6.11
CA GLY A 68 22.58 -8.71 6.88
C GLY A 68 21.53 -9.68 7.34
N ILE A 69 20.36 -9.63 6.70
CA ILE A 69 19.24 -10.48 7.06
C ILE A 69 19.43 -11.84 6.41
N PHE A 70 19.32 -12.91 7.19
CA PHE A 70 19.37 -14.27 6.67
C PHE A 70 17.95 -14.80 6.57
N GLU A 71 17.48 -14.99 5.33
CA GLU A 71 16.10 -15.36 5.07
C GLU A 71 16.01 -16.81 4.65
N THR A 72 15.00 -17.51 5.16
CA THR A 72 14.76 -18.92 4.84
C THR A 72 13.29 -19.10 4.51
N LYS A 73 13.01 -19.81 3.42
CA LYS A 73 11.64 -20.13 3.04
C LYS A 73 11.43 -21.64 3.09
N PHE A 74 10.42 -22.07 3.83
CA PHE A 74 10.03 -23.47 3.86
C PHE A 74 8.51 -23.55 3.81
N GLN A 75 8.01 -24.64 3.23
CA GLN A 75 6.59 -24.84 3.03
C GLN A 75 6.13 -26.09 3.77
N VAL A 76 5.07 -25.95 4.57
CA VAL A 76 4.52 -27.04 5.36
C VAL A 76 3.04 -27.16 5.03
N ASP A 77 2.64 -28.29 4.45
CA ASP A 77 1.25 -28.58 4.11
C ASP A 77 0.61 -27.45 3.29
N LYS A 78 1.26 -27.16 2.16
CA LYS A 78 0.76 -26.19 1.18
C LYS A 78 0.65 -24.78 1.76
N VAL A 79 1.41 -24.48 2.81
CA VAL A 79 1.47 -23.14 3.40
C VAL A 79 2.92 -22.69 3.40
N ASN A 80 3.17 -21.50 2.87
CA ASN A 80 4.54 -21.02 2.69
C ASN A 80 4.93 -20.17 3.88
N PHE A 81 6.05 -20.53 4.52
CA PHE A 81 6.60 -19.80 5.65
C PHE A 81 7.91 -19.16 5.24
N HIS A 82 8.07 -17.87 5.54
CA HIS A 82 9.27 -17.11 5.20
C HIS A 82 9.85 -16.55 6.49
N MET A 83 10.95 -17.13 6.95
CA MET A 83 11.52 -16.84 8.26
C MET A 83 12.80 -16.03 8.10
N PHE A 84 12.91 -14.94 8.85
CA PHE A 84 14.06 -14.06 8.82
C PHE A 84 14.90 -14.30 10.07
N ASP A 85 16.16 -14.66 9.87
CA ASP A 85 17.12 -14.85 10.95
C ASP A 85 18.02 -13.63 11.05
N VAL A 86 18.08 -13.04 12.24
CA VAL A 86 18.83 -11.81 12.47
C VAL A 86 19.88 -12.08 13.54
N GLY A 87 21.10 -11.60 13.30
CA GLY A 87 22.18 -11.75 14.26
C GLY A 87 23.38 -10.88 13.94
N ARG A 93 18.33 -2.27 19.61
CA ARG A 93 17.81 -2.63 18.29
C ARG A 93 16.45 -2.01 18.05
N ARG A 94 16.15 -0.94 18.77
CA ARG A 94 14.86 -0.28 18.70
C ARG A 94 14.56 0.35 17.34
N LYS A 95 15.57 0.48 16.49
CA LYS A 95 15.40 1.20 15.23
C LYS A 95 14.99 0.28 14.08
N TRP A 96 15.74 -0.79 13.85
CA TRP A 96 15.43 -1.70 12.75
C TRP A 96 14.36 -2.71 13.10
N ILE A 97 13.88 -2.73 14.35
CA ILE A 97 12.83 -3.67 14.75
C ILE A 97 11.45 -3.22 14.30
N GLN A 98 11.30 -1.96 13.90
CA GLN A 98 10.03 -1.50 13.33
C GLN A 98 9.76 -2.11 11.97
N CYS A 99 10.80 -2.56 11.26
CA CYS A 99 10.61 -3.19 9.97
C CYS A 99 9.76 -4.44 10.08
N PHE A 100 9.96 -5.23 11.13
CA PHE A 100 9.21 -6.46 11.36
C PHE A 100 7.96 -6.20 12.20
N ASN A 101 7.17 -5.22 11.78
CA ASN A 101 5.95 -4.86 12.50
C ASN A 101 4.73 -5.65 12.04
N ASP A 102 4.82 -6.31 10.88
CA ASP A 102 3.69 -7.02 10.30
C ASP A 102 3.90 -8.53 10.25
N VAL A 103 4.90 -9.05 10.95
CA VAL A 103 5.13 -10.49 10.95
C VAL A 103 4.02 -11.19 11.72
N THR A 104 3.71 -12.42 11.31
CA THR A 104 2.66 -13.16 11.98
C THR A 104 3.08 -13.59 13.38
N ALA A 105 4.33 -14.02 13.53
CA ALA A 105 4.81 -14.48 14.83
C ALA A 105 6.30 -14.18 14.96
N ILE A 106 6.77 -14.18 16.20
CA ILE A 106 8.18 -14.03 16.52
C ILE A 106 8.64 -15.30 17.22
N ILE A 107 9.67 -15.94 16.68
CA ILE A 107 10.20 -17.19 17.22
C ILE A 107 11.39 -16.84 18.10
N PHE A 108 11.16 -16.73 19.40
CA PHE A 108 12.20 -16.38 20.36
C PHE A 108 12.80 -17.66 20.94
N VAL A 109 14.11 -17.84 20.75
CA VAL A 109 14.79 -19.08 21.11
C VAL A 109 15.80 -18.79 22.22
N VAL A 110 15.78 -19.59 23.27
CA VAL A 110 16.76 -19.52 24.34
C VAL A 110 17.37 -20.90 24.55
N ASP A 111 18.53 -20.93 25.20
CA ASP A 111 19.21 -22.16 25.56
C ASP A 111 19.00 -22.38 27.05
N SER A 112 18.14 -23.35 27.39
CA SER A 112 17.79 -23.58 28.79
C SER A 112 18.94 -24.16 29.60
N SER A 113 19.88 -24.85 28.95
CA SER A 113 20.97 -25.49 29.69
C SER A 113 21.85 -24.45 30.38
N ASP A 114 22.15 -23.35 29.71
CA ASP A 114 23.04 -22.31 30.25
C ASP A 114 22.26 -21.49 31.27
N TYR A 115 22.31 -21.92 32.54
CA TYR A 115 21.64 -21.19 33.60
C TYR A 115 22.25 -19.81 33.81
N ASN A 116 23.53 -19.64 33.49
CA ASN A 116 24.22 -18.39 33.78
C ASN A 116 23.60 -17.22 33.01
N ARG A 117 23.26 -17.44 31.74
CA ARG A 117 22.74 -16.37 30.89
C ARG A 117 21.23 -16.41 30.76
N LEU A 118 20.54 -17.23 31.55
CA LEU A 118 19.08 -17.29 31.49
C LEU A 118 18.47 -15.93 31.84
N GLN A 119 19.04 -15.23 32.83
CA GLN A 119 18.54 -13.91 33.20
C GLN A 119 18.70 -12.92 32.06
N GLU A 120 19.76 -13.06 31.25
CA GLU A 120 19.90 -12.24 30.06
C GLU A 120 18.78 -12.52 29.07
N ALA A 121 18.44 -13.80 28.88
CA ALA A 121 17.34 -14.16 28.00
C ALA A 121 16.02 -13.59 28.51
N LEU A 122 15.78 -13.69 29.82
CA LEU A 122 14.57 -13.12 30.40
C LEU A 122 14.55 -11.60 30.24
N ASN A 123 15.69 -10.95 30.42
CA ASN A 123 15.76 -9.51 30.19
C ASN A 123 15.53 -9.17 28.72
N ASP A 124 16.12 -9.95 27.82
CA ASP A 124 15.90 -9.74 26.39
C ASP A 124 14.45 -10.01 26.01
N PHE A 125 13.88 -11.10 26.55
CA PHE A 125 12.49 -11.43 26.23
C PHE A 125 11.54 -10.35 26.70
N LYS A 126 11.78 -9.78 27.88
CA LYS A 126 10.92 -8.71 28.40
C LYS A 126 10.99 -7.48 27.52
N SER A 127 12.13 -7.21 26.90
CA SER A 127 12.25 -6.06 26.00
C SER A 127 11.38 -6.26 24.76
N ILE A 128 11.39 -7.46 24.19
CA ILE A 128 10.62 -7.73 22.97
C ILE A 128 9.13 -7.76 23.28
N TRP A 129 8.74 -8.41 24.38
CA TRP A 129 7.33 -8.51 24.73
C TRP A 129 6.72 -7.14 24.98
N ASN A 130 7.45 -6.27 25.69
CA ASN A 130 6.98 -4.94 26.02
C ASN A 130 7.38 -3.91 24.97
N ASN A 131 7.89 -4.33 23.81
CA ASN A 131 8.24 -3.40 22.76
C ASN A 131 7.00 -2.70 22.24
N ARG A 132 7.15 -1.41 21.91
CA ARG A 132 6.01 -0.63 21.42
C ARG A 132 5.54 -1.14 20.06
N TRP A 133 6.48 -1.53 19.20
CA TRP A 133 6.16 -1.94 17.84
C TRP A 133 5.84 -3.42 17.72
N LEU A 134 5.82 -4.16 18.83
CA LEU A 134 5.50 -5.57 18.84
C LEU A 134 4.41 -5.86 19.86
N ARG A 135 3.47 -4.93 20.01
CA ARG A 135 2.38 -5.10 20.97
C ARG A 135 1.27 -5.99 20.46
N THR A 136 1.25 -6.34 19.17
CA THR A 136 0.24 -7.22 18.59
C THR A 136 0.84 -8.45 17.94
N ILE A 137 2.10 -8.74 18.22
CA ILE A 137 2.82 -9.85 17.59
C ILE A 137 3.02 -10.94 18.64
N SER A 138 2.45 -12.12 18.37
CA SER A 138 2.61 -13.24 19.29
C SER A 138 4.02 -13.80 19.19
N VAL A 139 4.46 -14.42 20.28
CA VAL A 139 5.83 -14.94 20.41
C VAL A 139 5.75 -16.45 20.54
N ILE A 140 6.31 -17.16 19.56
CA ILE A 140 6.39 -18.62 19.62
C ILE A 140 7.71 -18.94 20.31
N LEU A 141 7.69 -18.93 21.64
CA LEU A 141 8.91 -19.11 22.42
C LEU A 141 9.41 -20.55 22.30
N PHE A 142 10.69 -20.70 21.99
CA PHE A 142 11.34 -22.01 21.93
C PHE A 142 12.36 -22.12 23.05
N LEU A 143 12.24 -23.18 23.86
CA LEU A 143 13.21 -23.46 24.92
C LEU A 143 14.12 -24.57 24.40
N ASN A 144 15.14 -24.16 23.65
CA ASN A 144 15.91 -25.10 22.85
C ASN A 144 16.86 -25.91 23.74
N LYS A 145 17.30 -27.05 23.20
CA LYS A 145 18.27 -27.93 23.84
C LYS A 145 17.75 -28.42 25.20
N GLN A 146 16.60 -29.09 25.17
CA GLN A 146 16.06 -29.69 26.38
C GLN A 146 16.82 -30.93 26.78
N ASP A 147 17.38 -31.66 25.81
CA ASP A 147 18.20 -32.83 26.13
C ASP A 147 19.43 -32.43 26.93
N LEU A 148 20.06 -31.31 26.57
CA LEU A 148 21.20 -30.82 27.34
C LEU A 148 20.77 -30.40 28.74
N LEU A 149 19.57 -29.81 28.85
CA LEU A 149 19.06 -29.44 30.17
C LEU A 149 18.81 -30.67 31.03
N ALA A 150 18.27 -31.74 30.43
CA ALA A 150 18.01 -32.95 31.21
C ALA A 150 19.30 -33.57 31.73
N GLU A 151 20.33 -33.62 30.90
CA GLU A 151 21.62 -34.17 31.34
C GLU A 151 22.25 -33.31 32.42
N LYS A 152 22.16 -31.98 32.28
CA LYS A 152 22.78 -31.09 33.25
C LYS A 152 22.13 -31.23 34.63
N VAL A 153 20.81 -31.36 34.66
CA VAL A 153 20.12 -31.57 35.93
C VAL A 153 20.42 -32.97 36.47
N LEU A 154 20.48 -33.96 35.57
CA LEU A 154 20.73 -35.34 36.01
C LEU A 154 22.09 -35.47 36.67
N ALA A 155 23.11 -34.81 36.13
CA ALA A 155 24.43 -34.86 36.75
C ALA A 155 24.41 -34.24 38.13
N GLY A 156 23.71 -33.12 38.30
CA GLY A 156 23.57 -32.48 39.59
C GLY A 156 24.73 -31.59 40.00
N LYS A 157 25.72 -31.41 39.13
CA LYS A 157 26.85 -30.54 39.47
C LYS A 157 26.40 -29.09 39.63
N SER A 158 25.51 -28.62 38.76
CA SER A 158 25.05 -27.24 38.77
C SER A 158 23.64 -27.18 39.36
N LYS A 159 23.43 -26.23 40.26
CA LYS A 159 22.15 -26.06 40.94
C LYS A 159 21.48 -24.78 40.46
N ILE A 160 20.23 -24.89 40.03
CA ILE A 160 19.50 -23.71 39.57
C ILE A 160 19.26 -22.74 40.72
N GLU A 161 19.16 -23.25 41.95
CA GLU A 161 18.93 -22.39 43.10
C GLU A 161 20.06 -21.39 43.31
N ASP A 162 21.26 -21.65 42.79
CA ASP A 162 22.35 -20.69 42.88
C ASP A 162 22.00 -19.41 42.13
N TYR A 163 21.42 -19.54 40.93
CA TYR A 163 21.04 -18.39 40.14
C TYR A 163 19.62 -17.92 40.44
N PHE A 164 18.69 -18.85 40.68
CA PHE A 164 17.30 -18.54 40.98
C PHE A 164 16.96 -19.11 42.35
N PRO A 165 17.08 -18.31 43.42
CA PRO A 165 16.78 -18.84 44.76
C PRO A 165 15.34 -19.31 44.92
N GLU A 166 14.40 -18.70 44.20
CA GLU A 166 12.99 -19.08 44.32
C GLU A 166 12.69 -20.46 43.73
N PHE A 167 13.65 -21.08 43.03
CA PHE A 167 13.42 -22.41 42.50
C PHE A 167 13.29 -23.45 43.61
N ALA A 168 13.87 -23.17 44.79
CA ALA A 168 13.78 -24.12 45.90
C ALA A 168 12.34 -24.31 46.35
N ARG A 169 11.57 -23.23 46.41
CA ARG A 169 10.18 -23.28 46.86
C ARG A 169 9.20 -23.56 45.72
N TYR A 170 9.67 -24.17 44.63
CA TYR A 170 8.84 -24.48 43.47
C TYR A 170 8.54 -25.97 43.44
N THR A 171 7.27 -26.31 43.24
CA THR A 171 6.83 -27.70 43.14
C THR A 171 6.10 -27.91 41.82
N THR A 172 6.25 -29.11 41.27
CA THR A 172 5.63 -29.42 39.99
C THR A 172 4.11 -29.48 40.15
N PRO A 173 3.36 -28.72 39.35
CA PRO A 173 1.89 -28.80 39.41
C PRO A 173 1.39 -30.19 39.01
N GLU A 174 0.28 -30.59 39.62
CA GLU A 174 -0.30 -31.89 39.30
C GLU A 174 -0.79 -31.96 37.86
N ASP A 175 -1.14 -30.81 37.27
CA ASP A 175 -1.59 -30.77 35.88
C ASP A 175 -0.47 -31.01 34.88
N ALA A 176 0.78 -31.05 35.33
CA ALA A 176 1.91 -31.26 34.43
C ALA A 176 1.81 -32.63 33.76
N THR A 177 2.30 -32.70 32.53
CA THR A 177 2.25 -33.92 31.72
C THR A 177 3.66 -34.24 31.24
N PRO A 178 4.49 -34.84 32.11
CA PRO A 178 5.85 -35.18 31.70
C PRO A 178 5.87 -36.27 30.64
N GLU A 179 6.94 -36.27 29.85
CA GLU A 179 7.13 -37.31 28.85
C GLU A 179 7.37 -38.66 29.54
N PRO A 180 7.04 -39.76 28.88
CA PRO A 180 7.30 -41.08 29.46
C PRO A 180 8.78 -41.30 29.71
N GLY A 181 9.10 -41.97 30.81
CA GLY A 181 10.48 -42.24 31.17
C GLY A 181 11.30 -41.01 31.50
N GLU A 182 10.69 -40.02 32.16
CA GLU A 182 11.36 -38.77 32.49
C GLU A 182 11.54 -38.66 34.00
N ASP A 183 12.73 -38.24 34.41
CA ASP A 183 13.01 -38.03 35.83
C ASP A 183 12.13 -36.89 36.36
N PRO A 184 11.45 -37.07 37.48
CA PRO A 184 10.65 -35.96 38.04
C PRO A 184 11.48 -34.74 38.39
N ARG A 185 12.77 -34.91 38.69
CA ARG A 185 13.63 -33.76 38.96
C ARG A 185 13.74 -32.87 37.73
N VAL A 186 13.86 -33.48 36.55
CA VAL A 186 13.91 -32.70 35.30
C VAL A 186 12.60 -31.95 35.11
N THR A 187 11.47 -32.61 35.37
CA THR A 187 10.17 -31.97 35.18
C THR A 187 10.02 -30.73 36.07
N ARG A 188 10.48 -30.82 37.32
CA ARG A 188 10.40 -29.67 38.21
C ARG A 188 11.23 -28.50 37.69
N ALA A 189 12.43 -28.80 37.16
CA ALA A 189 13.27 -27.74 36.61
C ALA A 189 12.75 -27.25 35.27
N LYS A 190 12.29 -28.18 34.41
CA LYS A 190 11.87 -27.80 33.07
C LYS A 190 10.66 -26.87 33.10
N TYR A 191 9.69 -27.14 33.98
CA TYR A 191 8.54 -26.26 34.11
C TYR A 191 8.88 -24.95 34.82
N PHE A 192 9.91 -24.93 35.65
CA PHE A 192 10.30 -23.68 36.30
C PHE A 192 10.81 -22.67 35.30
N ILE A 193 11.67 -23.11 34.37
CA ILE A 193 12.18 -22.19 33.34
C ILE A 193 11.04 -21.70 32.46
N ARG A 194 10.13 -22.60 32.08
CA ARG A 194 8.97 -22.19 31.29
C ARG A 194 8.11 -21.18 32.04
N LYS A 195 7.92 -21.40 33.34
CA LYS A 195 7.13 -20.48 34.14
C LYS A 195 7.75 -19.08 34.15
N GLU A 196 9.07 -19.00 34.15
CA GLU A 196 9.76 -17.71 34.18
C GLU A 196 9.39 -16.86 32.98
N PHE A 197 9.37 -17.46 31.79
CA PHE A 197 9.02 -16.70 30.58
C PHE A 197 7.53 -16.41 30.52
N VAL A 198 6.69 -17.40 30.85
CA VAL A 198 5.25 -17.19 30.81
C VAL A 198 4.81 -16.14 31.83
N ASP A 199 5.48 -16.09 32.99
CA ASP A 199 5.18 -15.05 33.97
C ASP A 199 5.40 -13.66 33.38
N ILE A 200 6.39 -13.51 32.51
CA ILE A 200 6.62 -12.23 31.85
C ILE A 200 5.49 -11.93 30.86
N SER A 201 5.00 -12.97 30.18
CA SER A 201 3.98 -12.77 29.16
C SER A 201 2.69 -12.21 29.76
N THR A 202 2.28 -12.73 30.91
CA THR A 202 1.03 -12.32 31.54
C THR A 202 1.15 -11.00 32.29
N ALA A 203 2.35 -10.42 32.39
CA ALA A 203 2.53 -9.19 33.15
C ALA A 203 1.75 -8.04 32.51
N SER A 204 1.75 -7.95 31.18
CA SER A 204 1.06 -6.88 30.49
C SER A 204 0.69 -7.36 29.08
N GLY A 205 -0.15 -6.58 28.42
CA GLY A 205 -0.58 -6.89 27.07
C GLY A 205 -2.09 -6.94 26.94
N ASP A 206 -2.76 -7.44 27.98
CA ASP A 206 -4.23 -7.57 28.01
C ASP A 206 -4.72 -8.47 26.88
N GLY A 207 -3.95 -9.50 26.57
CA GLY A 207 -4.43 -10.54 25.67
C GLY A 207 -4.34 -10.23 24.19
N ARG A 208 -3.69 -9.14 23.80
CA ARG A 208 -3.56 -8.85 22.38
C ARG A 208 -2.69 -9.88 21.68
N HIS A 209 -1.62 -10.32 22.34
CA HIS A 209 -0.72 -11.33 21.80
C HIS A 209 -0.41 -12.37 22.87
N ILE A 210 -0.08 -13.58 22.41
CA ILE A 210 0.06 -14.73 23.29
C ILE A 210 1.43 -15.38 23.08
N CYS A 211 2.09 -15.72 24.17
CA CYS A 211 3.32 -16.50 24.10
C CYS A 211 3.01 -17.99 24.01
N TYR A 212 3.83 -18.72 23.25
CA TYR A 212 3.60 -20.13 22.96
C TYR A 212 4.85 -20.92 23.36
N PRO A 213 5.02 -21.19 24.65
CA PRO A 213 6.21 -21.93 25.09
C PRO A 213 6.25 -23.33 24.50
N HIS A 214 7.47 -23.80 24.24
CA HIS A 214 7.68 -25.14 23.70
C HIS A 214 9.01 -25.68 24.23
N PHE A 215 9.16 -27.00 24.14
CA PHE A 215 10.37 -27.69 24.57
C PHE A 215 10.94 -28.44 23.38
N THR A 216 11.91 -27.82 22.71
CA THR A 216 12.50 -28.38 21.50
C THR A 216 13.97 -28.69 21.73
N CYS A 217 14.56 -29.39 20.77
CA CYS A 217 16.00 -29.66 20.75
C CYS A 217 16.50 -29.44 19.34
N SER A 218 17.83 -29.41 19.20
CA SER A 218 18.43 -29.16 17.89
C SER A 218 18.10 -30.27 16.89
N VAL A 219 18.10 -31.52 17.35
CA VAL A 219 17.94 -32.67 16.47
C VAL A 219 16.47 -33.00 16.30
N ASP A 220 15.58 -32.15 16.83
CA ASP A 220 14.15 -32.41 16.74
C ASP A 220 13.67 -32.25 15.31
N THR A 221 12.81 -33.18 14.88
CA THR A 221 12.28 -33.18 13.53
C THR A 221 10.88 -32.58 13.45
N GLU A 222 10.22 -32.33 14.58
CA GLU A 222 8.87 -31.81 14.60
C GLU A 222 8.80 -30.31 14.86
N ASN A 223 9.94 -29.61 14.78
CA ASN A 223 9.95 -28.17 15.02
C ASN A 223 9.12 -27.42 13.99
N ALA A 224 9.10 -27.90 12.74
CA ALA A 224 8.31 -27.24 11.71
C ALA A 224 6.82 -27.33 12.01
N ARG A 225 6.36 -28.46 12.55
CA ARG A 225 4.94 -28.62 12.85
C ARG A 225 4.52 -27.73 14.02
N ARG A 226 5.40 -27.55 15.01
CA ARG A 226 5.05 -26.73 16.17
C ARG A 226 4.80 -25.29 15.76
N ILE A 227 5.61 -24.76 14.84
CA ILE A 227 5.36 -23.42 14.31
C ILE A 227 4.07 -23.41 13.49
N PHE A 228 3.79 -24.51 12.79
CA PHE A 228 2.60 -24.57 11.94
C PHE A 228 1.33 -24.48 12.77
N ASN A 229 1.23 -25.32 13.82
CA ASN A 229 0.02 -25.31 14.66
C ASN A 229 -0.10 -24.00 15.43
N ASP A 230 1.03 -23.48 15.93
CA ASP A 230 0.97 -22.23 16.69
C ASP A 230 0.56 -21.06 15.80
N CYS A 231 1.09 -21.01 14.57
CA CYS A 231 0.69 -19.94 13.65
C CYS A 231 -0.76 -20.08 13.23
N LYS A 232 -1.26 -21.32 13.12
CA LYS A 232 -2.68 -21.51 12.83
C LYS A 232 -3.55 -20.97 13.96
N ASP A 233 -3.12 -21.17 15.20
CA ASP A 233 -3.83 -20.58 16.33
C ASP A 233 -3.71 -19.06 16.32
N ILE A 234 -2.55 -18.53 15.93
CA ILE A 234 -2.38 -17.08 15.84
C ILE A 234 -3.29 -16.51 14.76
N ILE A 235 -3.34 -17.17 13.59
CA ILE A 235 -4.21 -16.71 12.51
C ILE A 235 -5.68 -16.84 12.92
N LEU A 236 -6.04 -17.96 13.55
CA LEU A 236 -7.42 -18.14 14.00
C LEU A 236 -7.82 -17.08 15.02
N GLN A 237 -6.93 -16.78 15.98
CA GLN A 237 -7.25 -15.77 16.97
C GLN A 237 -7.33 -14.38 16.37
N MET A 238 -6.70 -14.15 15.21
CA MET A 238 -6.92 -12.90 14.50
C MET A 238 -8.36 -12.79 14.03
N ASN A 239 -8.92 -13.90 13.52
CA ASN A 239 -10.28 -13.89 13.02
C ASN A 239 -11.29 -13.68 14.15
N LEU A 240 -11.14 -14.45 15.23
CA LEU A 240 -12.09 -14.35 16.34
C LEU A 240 -12.12 -12.96 16.96
N ARG A 241 -11.03 -12.20 16.83
CA ARG A 241 -11.07 -10.79 17.23
C ARG A 241 -11.84 -9.95 16.22
N GLU A 242 -11.85 -10.37 14.96
CA GLU A 242 -12.52 -9.62 13.90
C GLU A 242 -14.02 -9.86 13.91
N TYR A 243 -14.45 -11.08 14.25
CA TYR A 243 -15.87 -11.42 14.22
C TYR A 243 -16.58 -10.97 15.48
N ASN A 244 -15.87 -10.89 16.61
CA ASN A 244 -16.43 -10.40 17.86
C ASN A 244 -16.37 -8.88 17.96
N LEU A 245 -15.92 -8.19 16.91
CA LEU A 245 -15.80 -6.73 16.90
C LEU A 245 -14.90 -6.25 18.04
N VAL A 246 -13.83 -6.97 18.30
CA VAL A 246 -12.84 -6.55 19.30
C VAL A 246 -11.89 -5.54 18.68
N SER B 12 45.54 7.53 35.50
CA SER B 12 46.22 8.81 35.67
C SER B 12 46.07 9.67 34.42
N GLU B 13 46.70 9.25 33.33
CA GLU B 13 46.62 9.99 32.07
C GLU B 13 45.20 9.99 31.53
N LEU B 14 44.52 8.84 31.60
CA LEU B 14 43.14 8.76 31.11
C LEU B 14 42.22 9.64 31.94
N ASP B 15 42.37 9.62 33.27
CA ASP B 15 41.54 10.46 34.13
C ASP B 15 41.78 11.94 33.85
N GLN B 16 43.03 12.33 33.65
CA GLN B 16 43.34 13.73 33.37
C GLN B 16 42.74 14.17 32.04
N LEU B 17 42.81 13.31 31.02
CA LEU B 17 42.30 13.69 29.70
C LEU B 17 40.79 13.85 29.72
N ARG B 18 40.06 12.93 30.37
CA ARG B 18 38.61 13.03 30.41
C ARG B 18 38.14 14.22 31.23
N GLN B 19 38.98 14.73 32.13
CA GLN B 19 38.65 15.97 32.82
C GLN B 19 38.79 17.17 31.89
N GLU B 20 39.77 17.12 30.98
CA GLU B 20 39.94 18.21 30.02
C GLU B 20 38.77 18.28 29.05
N ALA B 21 38.18 17.13 28.70
CA ALA B 21 37.00 17.14 27.84
C ALA B 21 35.83 17.87 28.50
N GLU B 22 35.64 17.65 29.81
CA GLU B 22 34.58 18.37 30.53
C GLU B 22 34.82 19.86 30.52
N GLN B 23 36.08 20.28 30.68
CA GLN B 23 36.40 21.71 30.61
C GLN B 23 36.09 22.27 29.23
N LEU B 24 36.42 21.52 28.18
CA LEU B 24 36.13 21.98 26.82
C LEU B 24 34.63 22.06 26.57
N LYS B 25 33.87 21.09 27.08
CA LYS B 25 32.42 21.13 26.93
C LYS B 25 31.81 22.34 27.62
N ASN B 26 32.31 22.69 28.81
CA ASN B 26 31.85 23.89 29.47
C ASN B 26 32.26 25.14 28.70
N GLN B 27 33.45 25.12 28.09
CA GLN B 27 33.90 26.25 27.30
C GLN B 27 32.98 26.48 26.10
N ILE B 28 32.59 25.41 25.42
CA ILE B 28 31.66 25.54 24.29
C ILE B 28 30.30 26.01 24.76
N ARG B 29 29.80 25.45 25.86
CA ARG B 29 28.49 25.84 26.38
C ARG B 29 28.48 27.30 26.78
N ASP B 30 29.56 27.78 27.42
CA ASP B 30 29.66 29.19 27.75
C ASP B 30 29.74 30.05 26.49
N ALA B 31 30.46 29.57 25.48
CA ALA B 31 30.58 30.32 24.23
C ALA B 31 29.24 30.47 23.54
N ARG B 32 28.44 29.40 23.51
CA ARG B 32 27.11 29.48 22.92
C ARG B 32 26.20 30.39 23.72
N LYS B 33 26.30 30.33 25.06
CA LYS B 33 25.49 31.20 25.90
C LYS B 33 25.87 32.67 25.72
N ALA B 34 27.14 32.94 25.40
CA ALA B 34 27.59 34.31 25.20
C ALA B 34 26.89 34.95 24.00
N CYS B 35 26.72 34.20 22.92
CA CYS B 35 26.08 34.72 21.71
C CYS B 35 24.58 34.52 21.70
N ALA B 36 24.00 33.98 22.76
CA ALA B 36 22.55 33.83 22.87
C ALA B 36 21.92 35.10 23.45
N ASP B 37 22.18 36.22 22.76
CA ASP B 37 21.69 37.51 23.23
C ASP B 37 20.17 37.57 23.21
N ALA B 38 19.54 37.03 22.17
CA ALA B 38 18.09 37.07 22.01
C ALA B 38 17.58 35.69 21.67
N THR B 39 16.26 35.56 21.56
CA THR B 39 15.61 34.33 21.17
C THR B 39 14.88 34.54 19.83
N LEU B 40 14.87 33.49 19.02
CA LEU B 40 14.13 33.53 17.76
C LEU B 40 12.66 33.85 17.98
N SER B 41 12.07 33.37 19.08
CA SER B 41 10.68 33.69 19.38
C SER B 41 10.47 35.18 19.58
N GLN B 42 11.39 35.84 20.31
CA GLN B 42 11.29 37.28 20.50
C GLN B 42 11.49 38.03 19.18
N ILE B 43 12.42 37.56 18.34
CA ILE B 43 12.71 38.26 17.10
C ILE B 43 11.52 38.23 16.16
N THR B 44 10.84 37.08 16.07
CA THR B 44 9.75 36.88 15.13
C THR B 44 8.39 37.08 15.76
N ASN B 45 8.32 37.76 16.91
CA ASN B 45 7.04 38.01 17.55
C ASN B 45 6.21 39.02 16.76
N ASN B 46 6.86 40.02 16.17
CA ASN B 46 6.13 41.09 15.50
C ASN B 46 5.49 40.62 14.20
N ILE B 47 6.11 39.69 13.48
CA ILE B 47 5.61 39.30 12.17
C ILE B 47 4.25 38.62 12.30
N ASP B 48 3.43 38.78 11.28
CA ASP B 48 2.09 38.21 11.30
C ASP B 48 2.15 36.69 11.11
N PRO B 49 1.20 35.97 11.68
CA PRO B 49 1.17 34.51 11.50
C PRO B 49 0.78 34.13 10.08
N VAL B 50 1.13 32.89 9.72
CA VAL B 50 0.78 32.36 8.41
C VAL B 50 -0.69 32.03 8.26
N GLY B 51 -1.46 32.08 9.34
CA GLY B 51 -2.86 31.70 9.29
C GLY B 51 -3.03 30.19 9.31
N ARG B 52 -4.20 29.75 8.85
CA ARG B 52 -4.50 28.34 8.75
C ARG B 52 -4.09 27.82 7.38
N ILE B 53 -3.29 26.75 7.38
CA ILE B 53 -2.82 26.12 6.15
C ILE B 53 -3.72 24.93 5.85
N GLN B 54 -4.48 25.00 4.77
CA GLN B 54 -5.37 23.94 4.35
C GLN B 54 -4.82 23.31 3.07
N MET B 55 -4.53 22.02 3.13
CA MET B 55 -4.03 21.27 1.97
C MET B 55 -4.95 20.08 1.73
N ARG B 56 -5.25 19.84 0.45
CA ARG B 56 -6.09 18.72 0.05
C ARG B 56 -5.24 17.67 -0.66
N THR B 57 -5.70 16.42 -0.60
CA THR B 57 -5.03 15.32 -1.29
C THR B 57 -5.40 15.42 -2.77
N ARG B 58 -4.46 15.90 -3.59
CA ARG B 58 -4.70 15.96 -5.03
C ARG B 58 -4.55 14.60 -5.68
N ARG B 59 -3.56 13.80 -5.26
CA ARG B 59 -3.30 12.51 -5.84
C ARG B 59 -3.09 11.49 -4.73
N THR B 60 -3.50 10.25 -4.99
CA THR B 60 -3.16 9.11 -4.16
C THR B 60 -2.49 8.06 -5.03
N LEU B 61 -1.25 7.71 -4.68
CA LEU B 61 -0.47 6.74 -5.44
C LEU B 61 -0.62 5.37 -4.80
N ARG B 62 -1.29 4.46 -5.50
CA ARG B 62 -1.57 3.13 -5.00
C ARG B 62 -0.80 2.10 -5.83
N GLY B 63 -0.41 1.00 -5.18
CA GLY B 63 0.34 -0.03 -5.87
C GLY B 63 1.41 -0.69 -5.02
N HIS B 64 1.95 0.05 -4.05
CA HIS B 64 2.79 -0.57 -3.03
C HIS B 64 1.96 -1.52 -2.16
N LEU B 65 2.52 -2.69 -1.87
CA LEU B 65 1.82 -3.72 -1.12
C LEU B 65 2.37 -3.90 0.30
N ALA B 66 3.16 -2.94 0.78
CA ALA B 66 3.69 -3.02 2.14
C ALA B 66 3.92 -1.60 2.63
N LYS B 67 4.48 -1.50 3.85
CA LYS B 67 4.80 -0.20 4.42
C LYS B 67 5.76 0.56 3.51
N ILE B 68 5.41 1.79 3.17
CA ILE B 68 6.32 2.68 2.49
C ILE B 68 7.24 3.33 3.51
N TYR B 69 8.56 3.24 3.28
CA TYR B 69 9.53 3.74 4.22
C TYR B 69 10.27 4.99 3.77
N ALA B 70 10.31 5.27 2.47
CA ALA B 70 11.04 6.44 1.99
C ALA B 70 10.49 6.87 0.63
N MET B 71 10.63 8.15 0.35
CA MET B 71 10.33 8.70 -0.96
C MET B 71 11.27 9.87 -1.22
N HIS B 72 11.50 10.15 -2.50
CA HIS B 72 12.31 11.31 -2.86
C HIS B 72 11.86 11.84 -4.22
N TRP B 73 11.58 13.14 -4.27
CA TRP B 73 11.24 13.80 -5.52
C TRP B 73 12.46 13.91 -6.43
N GLY B 74 12.23 13.80 -7.73
CA GLY B 74 13.21 14.22 -8.70
C GLY B 74 13.26 15.72 -8.83
N THR B 75 14.34 16.21 -9.45
CA THR B 75 14.55 17.66 -9.51
C THR B 75 13.60 18.35 -10.47
N ASP B 76 12.92 17.61 -11.34
CA ASP B 76 11.93 18.19 -12.24
C ASP B 76 10.60 18.44 -11.56
N SER B 77 10.48 18.11 -10.27
CA SER B 77 9.29 18.35 -9.46
C SER B 77 8.06 17.59 -9.97
N ARG B 78 8.27 16.59 -10.82
CA ARG B 78 7.16 15.81 -11.36
C ARG B 78 7.31 14.32 -11.09
N LEU B 79 8.51 13.77 -11.22
CA LEU B 79 8.75 12.36 -10.95
C LEU B 79 9.22 12.17 -9.52
N LEU B 80 8.79 11.08 -8.89
CA LEU B 80 9.24 10.72 -7.56
C LEU B 80 9.43 9.21 -7.49
N VAL B 81 10.33 8.79 -6.60
CA VAL B 81 10.61 7.39 -6.35
C VAL B 81 10.24 7.08 -4.91
N SER B 82 9.56 5.95 -4.70
CA SER B 82 9.19 5.50 -3.37
C SER B 82 9.67 4.07 -3.14
N ALA B 83 10.03 3.77 -1.90
CA ALA B 83 10.50 2.46 -1.52
C ALA B 83 9.56 1.85 -0.49
N SER B 84 9.25 0.57 -0.67
CA SER B 84 8.42 -0.18 0.26
C SER B 84 9.10 -1.50 0.57
N GLN B 85 8.72 -2.09 1.70
CA GLN B 85 9.29 -3.36 2.13
C GLN B 85 8.55 -4.57 1.56
N ASP B 86 7.82 -4.39 0.47
CA ASP B 86 7.44 -5.50 -0.40
C ASP B 86 8.52 -5.81 -1.43
N GLY B 87 9.69 -5.22 -1.30
CA GLY B 87 10.77 -5.44 -2.26
C GLY B 87 10.58 -4.75 -3.59
N LYS B 88 9.87 -3.62 -3.62
CA LYS B 88 9.56 -2.92 -4.86
C LYS B 88 9.97 -1.46 -4.75
N LEU B 89 10.79 -1.01 -5.69
CA LEU B 89 11.02 0.41 -5.94
C LEU B 89 10.12 0.84 -7.09
N ILE B 90 9.28 1.85 -6.86
CA ILE B 90 8.37 2.35 -7.88
C ILE B 90 8.67 3.83 -8.12
N ILE B 91 8.74 4.21 -9.39
CA ILE B 91 8.89 5.60 -9.81
C ILE B 91 7.55 6.07 -10.35
N TRP B 92 7.02 7.15 -9.79
CA TRP B 92 5.68 7.62 -10.11
C TRP B 92 5.74 8.90 -10.93
N ASP B 93 4.84 9.03 -11.89
CA ASP B 93 4.54 10.30 -12.54
C ASP B 93 3.45 10.96 -11.70
N SER B 94 3.82 11.96 -10.90
CA SER B 94 2.88 12.52 -9.93
C SER B 94 1.75 13.28 -10.59
N TYR B 95 1.96 13.83 -11.78
CA TYR B 95 0.89 14.56 -12.44
C TYR B 95 -0.24 13.64 -12.88
N THR B 96 0.10 12.45 -13.38
CA THR B 96 -0.88 11.52 -13.93
C THR B 96 -1.12 10.29 -13.06
N THR B 97 -0.35 10.12 -11.98
CA THR B 97 -0.30 8.92 -11.15
C THR B 97 0.14 7.68 -11.91
N ASN B 98 0.69 7.85 -13.12
CA ASN B 98 1.21 6.72 -13.87
C ASN B 98 2.46 6.17 -13.19
N LYS B 99 2.61 4.84 -13.23
CA LYS B 99 3.83 4.19 -12.79
C LYS B 99 4.82 4.15 -13.95
N VAL B 100 5.95 4.84 -13.79
CA VAL B 100 6.95 4.88 -14.85
C VAL B 100 7.84 3.64 -14.81
N HIS B 101 8.25 3.21 -13.62
CA HIS B 101 9.09 2.04 -13.47
C HIS B 101 8.67 1.26 -12.23
N ALA B 102 9.01 -0.03 -12.22
CA ALA B 102 8.88 -0.86 -11.04
C ALA B 102 10.16 -1.68 -10.92
N ILE B 103 10.99 -1.34 -9.95
CA ILE B 103 12.32 -1.94 -9.79
C ILE B 103 12.23 -3.02 -8.71
N PRO B 104 12.38 -4.30 -9.04
CA PRO B 104 12.41 -5.33 -8.00
C PRO B 104 13.74 -5.32 -7.26
N LEU B 105 13.66 -5.24 -5.94
CA LEU B 105 14.84 -5.17 -5.09
C LEU B 105 15.30 -6.57 -4.71
N ARG B 106 16.63 -6.77 -4.71
CA ARG B 106 17.18 -8.05 -4.28
C ARG B 106 16.89 -8.30 -2.80
N SER B 107 16.99 -7.26 -1.97
CA SER B 107 16.64 -7.33 -0.56
C SER B 107 15.41 -6.47 -0.32
N SER B 108 14.37 -7.07 0.27
CA SER B 108 13.11 -6.36 0.44
C SER B 108 13.10 -5.42 1.64
N TRP B 109 14.12 -5.45 2.49
CA TRP B 109 14.12 -4.66 3.72
C TRP B 109 14.72 -3.28 3.49
N VAL B 110 14.21 -2.57 2.49
CA VAL B 110 14.75 -1.27 2.12
C VAL B 110 14.27 -0.23 3.12
N MET B 111 15.15 0.71 3.46
CA MET B 111 14.84 1.76 4.42
C MET B 111 14.97 3.16 3.87
N THR B 112 15.69 3.36 2.76
CA THR B 112 15.89 4.68 2.20
C THR B 112 15.91 4.58 0.68
N CYS B 113 15.61 5.71 0.03
CA CYS B 113 15.73 5.81 -1.41
C CYS B 113 16.08 7.26 -1.76
N ALA B 114 16.81 7.43 -2.87
CA ALA B 114 17.21 8.76 -3.31
C ALA B 114 17.09 8.85 -4.83
N TYR B 115 16.67 10.02 -5.31
CA TYR B 115 16.61 10.32 -6.73
C TYR B 115 17.77 11.23 -7.08
N ALA B 116 18.56 10.83 -8.08
CA ALA B 116 19.70 11.63 -8.48
C ALA B 116 19.23 12.97 -9.07
N PRO B 117 19.96 14.06 -8.82
CA PRO B 117 19.55 15.35 -9.39
C PRO B 117 19.52 15.37 -10.91
N SER B 118 20.36 14.56 -11.57
CA SER B 118 20.29 14.46 -13.02
C SER B 118 19.08 13.67 -13.50
N GLY B 119 18.52 12.82 -12.65
CA GLY B 119 17.39 11.99 -13.03
C GLY B 119 17.76 10.67 -13.69
N ASN B 120 19.06 10.39 -13.85
CA ASN B 120 19.51 9.18 -14.52
C ASN B 120 19.68 8.00 -13.58
N TYR B 121 19.70 8.22 -12.27
CA TYR B 121 19.98 7.16 -11.32
C TYR B 121 19.05 7.27 -10.12
N VAL B 122 18.77 6.12 -9.50
CA VAL B 122 18.14 6.07 -8.18
C VAL B 122 18.95 5.12 -7.32
N ALA B 123 18.87 5.32 -6.00
CA ALA B 123 19.62 4.54 -5.04
C ALA B 123 18.69 4.09 -3.91
N CYS B 124 19.02 2.96 -3.31
CA CYS B 124 18.25 2.45 -2.19
C CYS B 124 19.12 1.47 -1.40
N GLY B 125 18.67 1.15 -0.20
CA GLY B 125 19.35 0.19 0.65
C GLY B 125 18.75 0.11 2.04
N GLY B 126 18.90 -1.04 2.69
CA GLY B 126 18.33 -1.22 4.01
C GLY B 126 19.13 -2.11 4.93
N LEU B 127 18.46 -3.11 5.51
CA LEU B 127 19.08 -4.06 6.41
C LEU B 127 20.12 -4.94 5.74
N ASP B 128 20.23 -4.91 4.41
CA ASP B 128 21.24 -5.68 3.70
C ASP B 128 22.61 -5.02 3.71
N ASN B 129 22.73 -3.83 4.31
CA ASN B 129 24.00 -3.12 4.46
C ASN B 129 24.62 -2.72 3.13
N ILE B 130 23.81 -2.62 2.07
CA ILE B 130 24.30 -2.33 0.74
C ILE B 130 23.53 -1.14 0.19
N CYS B 131 24.24 -0.24 -0.49
CA CYS B 131 23.62 0.84 -1.25
C CYS B 131 23.68 0.48 -2.72
N SER B 132 22.53 0.20 -3.32
CA SER B 132 22.44 -0.23 -4.70
C SER B 132 22.10 0.96 -5.59
N ILE B 133 22.85 1.11 -6.68
CA ILE B 133 22.64 2.17 -7.65
C ILE B 133 21.97 1.57 -8.88
N TYR B 134 20.87 2.19 -9.31
CA TYR B 134 20.10 1.71 -10.45
C TYR B 134 20.16 2.73 -11.57
N ASN B 135 20.47 2.27 -12.78
CA ASN B 135 20.54 3.13 -13.96
C ASN B 135 19.17 3.18 -14.61
N LEU B 136 18.60 4.38 -14.71
CA LEU B 136 17.27 4.55 -15.29
C LEU B 136 17.28 4.79 -16.79
N LYS B 137 18.42 5.21 -17.35
CA LYS B 137 18.52 5.56 -18.77
C LYS B 137 19.49 4.58 -19.41
N THR B 138 18.97 3.43 -19.85
CA THR B 138 19.75 2.42 -20.55
C THR B 138 19.18 2.21 -21.94
N ARG B 139 20.06 1.83 -22.87
CA ARG B 139 19.61 1.48 -24.21
C ARG B 139 18.76 0.22 -24.24
N GLU B 140 18.82 -0.61 -23.20
CA GLU B 140 18.02 -1.83 -23.16
C GLU B 140 16.58 -1.59 -22.73
N GLY B 141 16.26 -0.40 -22.21
CA GLY B 141 14.89 -0.08 -21.87
C GLY B 141 14.45 -0.56 -20.51
N ASN B 142 15.34 -1.12 -19.70
CA ASN B 142 15.00 -1.58 -18.37
C ASN B 142 15.95 -0.97 -17.35
N VAL B 143 15.50 -0.94 -16.10
CA VAL B 143 16.35 -0.49 -15.00
C VAL B 143 17.23 -1.65 -14.55
N ARG B 144 18.53 -1.40 -14.47
CA ARG B 144 19.49 -2.41 -14.03
C ARG B 144 20.34 -1.85 -12.90
N VAL B 145 20.84 -2.75 -12.05
CA VAL B 145 21.80 -2.37 -11.04
C VAL B 145 23.12 -1.99 -11.71
N SER B 146 23.60 -0.78 -11.43
CA SER B 146 24.88 -0.34 -11.94
C SER B 146 26.01 -0.46 -10.93
N ARG B 147 25.71 -0.33 -9.63
CA ARG B 147 26.73 -0.44 -8.59
C ARG B 147 26.06 -0.90 -7.30
N GLU B 148 26.79 -1.71 -6.54
CA GLU B 148 26.40 -2.07 -5.17
C GLU B 148 27.53 -1.62 -4.24
N LEU B 149 27.25 -0.63 -3.41
CA LEU B 149 28.26 -0.03 -2.53
C LEU B 149 28.30 -0.79 -1.22
N ALA B 150 29.32 -1.63 -1.06
CA ALA B 150 29.52 -2.42 0.14
C ALA B 150 30.62 -1.81 1.00
N GLY B 151 30.55 -2.05 2.30
CA GLY B 151 31.52 -1.47 3.22
C GLY B 151 30.96 -1.09 4.57
N HIS B 152 29.67 -0.74 4.63
CA HIS B 152 29.03 -0.51 5.91
C HIS B 152 28.80 -1.82 6.65
N THR B 153 28.99 -1.79 7.97
CA THR B 153 28.75 -2.95 8.82
C THR B 153 27.42 -2.88 9.55
N GLY B 154 26.56 -1.92 9.20
CA GLY B 154 25.23 -1.84 9.74
C GLY B 154 24.24 -1.50 8.65
N TYR B 155 22.96 -1.44 9.04
CA TYR B 155 21.91 -1.16 8.07
C TYR B 155 22.06 0.23 7.49
N LEU B 156 21.63 0.40 6.24
CA LEU B 156 21.66 1.69 5.56
C LEU B 156 20.40 2.47 5.91
N SER B 157 20.58 3.64 6.52
CA SER B 157 19.45 4.44 6.97
C SER B 157 19.08 5.57 6.03
N CYS B 158 20.05 6.17 5.35
CA CYS B 158 19.75 7.26 4.43
C CYS B 158 20.86 7.36 3.38
N CYS B 159 20.50 7.89 2.21
CA CYS B 159 21.45 8.09 1.13
C CYS B 159 20.98 9.28 0.30
N ARG B 160 21.94 10.08 -0.19
CA ARG B 160 21.63 11.24 -1.00
C ARG B 160 22.71 11.44 -2.05
N PHE B 161 22.31 11.62 -3.31
CA PHE B 161 23.25 11.89 -4.37
C PHE B 161 23.80 13.32 -4.29
N LEU B 162 25.10 13.45 -4.50
CA LEU B 162 25.69 14.76 -4.79
C LEU B 162 25.73 15.04 -6.29
N ASP B 163 26.04 14.02 -7.08
CA ASP B 163 25.99 14.08 -8.53
C ASP B 163 25.86 12.65 -9.04
N ASP B 164 26.08 12.45 -10.34
CA ASP B 164 25.93 11.12 -10.91
C ASP B 164 27.01 10.16 -10.43
N ASN B 165 28.11 10.67 -9.88
CA ASN B 165 29.23 9.83 -9.46
C ASN B 165 29.46 9.80 -7.96
N GLN B 166 28.87 10.71 -7.19
CA GLN B 166 29.09 10.78 -5.76
C GLN B 166 27.78 10.65 -5.01
N ILE B 167 27.80 9.92 -3.90
CA ILE B 167 26.63 9.76 -3.03
C ILE B 167 27.12 9.67 -1.60
N VAL B 168 26.35 10.23 -0.67
CA VAL B 168 26.63 10.15 0.76
C VAL B 168 25.60 9.21 1.38
N THR B 169 26.09 8.27 2.19
CA THR B 169 25.22 7.32 2.89
C THR B 169 25.47 7.41 4.39
N SER B 170 24.39 7.31 5.17
CA SER B 170 24.48 7.14 6.61
C SER B 170 23.98 5.75 6.98
N SER B 171 24.61 5.14 7.97
CA SER B 171 24.34 3.77 8.34
C SER B 171 24.08 3.68 9.84
N GLY B 172 23.57 2.51 10.25
CA GLY B 172 23.40 2.18 11.65
C GLY B 172 24.65 1.73 12.37
N ASP B 173 25.78 1.65 11.67
CA ASP B 173 27.07 1.35 12.30
C ASP B 173 27.76 2.61 12.82
N THR B 174 27.02 3.69 13.04
CA THR B 174 27.45 4.94 13.66
C THR B 174 28.33 5.79 12.74
N THR B 175 28.46 5.44 11.46
CA THR B 175 29.34 6.16 10.55
C THR B 175 28.56 6.58 9.31
N CYS B 176 29.00 7.70 8.73
CA CYS B 176 28.58 8.12 7.40
C CYS B 176 29.74 7.97 6.42
N ALA B 177 29.43 7.77 5.15
CA ALA B 177 30.45 7.59 4.14
C ALA B 177 30.12 8.39 2.90
N LEU B 178 31.17 8.90 2.24
CA LEU B 178 31.08 9.48 0.91
C LEU B 178 31.65 8.49 -0.09
N TRP B 179 30.89 8.20 -1.14
CA TRP B 179 31.24 7.13 -2.08
C TRP B 179 31.56 7.72 -3.45
N ASP B 180 32.54 7.11 -4.13
CA ASP B 180 32.77 7.29 -5.55
C ASP B 180 32.11 6.14 -6.28
N ILE B 181 31.01 6.42 -6.98
CA ILE B 181 30.19 5.37 -7.57
C ILE B 181 30.96 4.65 -8.68
N GLU B 182 31.74 5.39 -9.47
CA GLU B 182 32.44 4.78 -10.60
C GLU B 182 33.45 3.73 -10.14
N THR B 183 34.19 4.03 -9.08
CA THR B 183 35.17 3.09 -8.55
C THR B 183 34.60 2.15 -7.48
N GLY B 184 33.41 2.45 -6.95
CA GLY B 184 32.79 1.61 -5.97
C GLY B 184 33.40 1.67 -4.58
N GLN B 185 34.29 2.63 -4.34
CA GLN B 185 34.99 2.76 -3.07
C GLN B 185 34.54 4.03 -2.36
N GLN B 186 34.51 3.97 -1.03
CA GLN B 186 34.17 5.14 -0.22
C GLN B 186 35.40 6.01 -0.06
N THR B 187 35.38 7.20 -0.66
CA THR B 187 36.54 8.09 -0.61
C THR B 187 36.73 8.66 0.79
N THR B 188 35.64 9.00 1.47
CA THR B 188 35.69 9.60 2.79
C THR B 188 34.75 8.84 3.72
N THR B 189 35.20 8.64 4.95
CA THR B 189 34.38 8.03 6.01
C THR B 189 34.21 9.04 7.12
N PHE B 190 32.96 9.26 7.53
CA PHE B 190 32.62 10.24 8.55
C PHE B 190 32.30 9.51 9.85
N THR B 191 33.21 9.58 10.81
CA THR B 191 33.06 8.92 12.09
C THR B 191 32.95 9.95 13.21
N GLY B 192 32.29 9.56 14.30
CA GLY B 192 32.15 10.44 15.44
C GLY B 192 30.83 10.31 16.17
N HIS B 193 29.82 9.78 15.50
CA HIS B 193 28.56 9.48 16.16
C HIS B 193 28.70 8.24 17.03
N THR B 194 28.12 8.30 18.23
CA THR B 194 28.14 7.17 19.14
C THR B 194 26.88 6.31 19.07
N GLY B 195 25.93 6.67 18.21
CA GLY B 195 24.73 5.86 18.01
C GLY B 195 24.44 5.68 16.53
N ASP B 196 23.37 4.93 16.26
CA ASP B 196 22.96 4.68 14.90
C ASP B 196 22.54 5.99 14.22
N VAL B 197 23.20 6.31 13.11
CA VAL B 197 22.83 7.49 12.33
C VAL B 197 21.56 7.17 11.53
N MET B 198 20.51 7.95 11.74
CA MET B 198 19.20 7.65 11.17
C MET B 198 18.87 8.46 9.93
N SER B 199 19.51 9.61 9.73
CA SER B 199 19.15 10.47 8.60
C SER B 199 20.32 11.37 8.26
N LEU B 200 20.28 11.92 7.05
CA LEU B 200 21.21 12.96 6.63
C LEU B 200 20.50 13.89 5.66
N SER B 201 20.98 15.14 5.61
CA SER B 201 20.48 16.12 4.65
C SER B 201 21.65 16.86 4.03
N LEU B 202 21.58 17.06 2.72
CA LEU B 202 22.62 17.80 2.00
C LEU B 202 22.30 19.29 1.95
N ALA B 203 23.34 20.10 2.09
CA ALA B 203 23.20 21.53 1.91
C ALA B 203 22.94 21.85 0.44
N PRO B 204 22.27 22.97 0.16
CA PRO B 204 21.94 23.28 -1.25
C PRO B 204 23.15 23.37 -2.16
N ASP B 205 24.30 23.83 -1.66
CA ASP B 205 25.52 23.87 -2.44
C ASP B 205 26.30 22.56 -2.39
N THR B 206 25.83 21.58 -1.62
CA THR B 206 26.43 20.25 -1.52
C THR B 206 27.89 20.32 -1.05
N ARG B 207 28.24 21.33 -0.26
CA ARG B 207 29.55 21.39 0.38
C ARG B 207 29.53 20.91 1.81
N LEU B 208 28.36 20.88 2.45
CA LEU B 208 28.20 20.42 3.82
C LEU B 208 26.99 19.51 3.89
N PHE B 209 26.95 18.67 4.93
CA PHE B 209 25.75 17.90 5.22
C PHE B 209 25.67 17.63 6.72
N VAL B 210 24.45 17.60 7.23
CA VAL B 210 24.17 17.30 8.62
C VAL B 210 23.61 15.88 8.72
N SER B 211 23.91 15.21 9.82
CA SER B 211 23.40 13.87 10.09
C SER B 211 22.89 13.80 11.51
N GLY B 212 21.78 13.10 11.70
CA GLY B 212 21.20 12.88 13.02
C GLY B 212 21.28 11.40 13.39
N ALA B 213 21.70 11.15 14.62
CA ALA B 213 21.91 9.80 15.12
C ALA B 213 21.02 9.54 16.33
N CYS B 214 21.16 8.35 16.90
CA CYS B 214 20.40 7.95 18.08
C CYS B 214 21.06 8.40 19.39
N ASP B 215 22.21 9.06 19.32
CA ASP B 215 22.79 9.72 20.49
C ASP B 215 22.20 11.10 20.74
N ALA B 216 21.06 11.42 20.13
CA ALA B 216 20.34 12.68 20.34
C ALA B 216 21.18 13.90 19.94
N SER B 217 22.10 13.72 19.00
CA SER B 217 22.98 14.80 18.57
C SER B 217 22.99 14.88 17.04
N ALA B 218 23.19 16.08 16.54
CA ALA B 218 23.30 16.35 15.11
C ALA B 218 24.68 16.93 14.84
N LYS B 219 25.40 16.33 13.88
CA LYS B 219 26.74 16.75 13.53
C LYS B 219 26.77 17.32 12.12
N LEU B 220 27.51 18.42 11.96
CA LEU B 220 27.70 19.06 10.67
C LEU B 220 29.06 18.62 10.12
N TRP B 221 29.05 18.03 8.93
CA TRP B 221 30.24 17.46 8.33
C TRP B 221 30.63 18.25 7.08
N ASP B 222 31.93 18.41 6.87
CA ASP B 222 32.46 18.97 5.64
C ASP B 222 32.72 17.84 4.65
N VAL B 223 32.11 17.93 3.46
CA VAL B 223 32.22 16.85 2.49
C VAL B 223 33.65 16.71 1.99
N ARG B 224 34.27 17.82 1.59
CA ARG B 224 35.61 17.76 1.02
C ARG B 224 36.66 17.46 2.08
N GLU B 225 36.58 18.13 3.22
CA GLU B 225 37.60 17.95 4.26
C GLU B 225 37.42 16.62 4.98
N GLY B 226 36.18 16.20 5.20
CA GLY B 226 35.91 14.89 5.76
C GLY B 226 35.89 14.81 7.27
N MET B 227 35.78 15.93 7.98
CA MET B 227 35.72 15.94 9.42
C MET B 227 34.44 16.60 9.89
N CYS B 228 34.12 16.40 11.17
CA CYS B 228 32.94 17.03 11.77
C CYS B 228 33.29 18.45 12.18
N ARG B 229 32.54 19.42 11.66
CA ARG B 229 32.79 20.82 12.01
C ARG B 229 32.11 21.21 13.31
N GLN B 230 30.83 20.86 13.47
CA GLN B 230 30.06 21.26 14.64
C GLN B 230 29.17 20.12 15.09
N THR B 231 28.87 20.11 16.38
CA THR B 231 27.96 19.13 16.98
C THR B 231 26.82 19.87 17.66
N PHE B 232 25.59 19.44 17.39
CA PHE B 232 24.39 20.09 17.92
C PHE B 232 23.66 19.10 18.83
N THR B 233 23.46 19.50 20.08
CA THR B 233 22.73 18.71 21.06
C THR B 233 21.52 19.48 21.56
N GLY B 234 20.68 18.80 22.33
CA GLY B 234 19.46 19.40 22.84
C GLY B 234 18.28 18.46 22.83
N HIS B 235 18.29 17.47 21.94
CA HIS B 235 17.27 16.43 21.95
C HIS B 235 17.49 15.47 23.12
N GLU B 236 16.39 14.84 23.54
CA GLU B 236 16.43 13.88 24.64
C GLU B 236 16.34 12.44 24.18
N SER B 237 16.09 12.19 22.89
CA SER B 237 15.98 10.84 22.38
C SER B 237 16.55 10.81 20.97
N ASP B 238 16.46 9.63 20.34
CA ASP B 238 17.03 9.44 19.01
C ASP B 238 16.43 10.41 18.00
N ILE B 239 17.29 11.00 17.18
CA ILE B 239 16.84 11.83 16.07
C ILE B 239 16.54 10.93 14.87
N ASN B 240 15.35 11.08 14.30
CA ASN B 240 14.93 10.26 13.17
C ASN B 240 14.94 10.99 11.84
N ALA B 241 14.90 12.32 11.85
CA ALA B 241 14.76 13.09 10.62
C ALA B 241 15.54 14.38 10.73
N ILE B 242 15.97 14.90 9.58
CA ILE B 242 16.77 16.11 9.53
C ILE B 242 16.60 16.72 8.14
N CYS B 243 16.60 18.05 8.09
CA CYS B 243 16.37 18.75 6.83
C CYS B 243 17.01 20.13 6.90
N PHE B 244 17.79 20.46 5.87
CA PHE B 244 18.44 21.77 5.79
C PHE B 244 17.44 22.87 5.46
N PHE B 245 17.68 24.05 6.03
CA PHE B 245 16.94 25.23 5.63
C PHE B 245 17.29 25.59 4.18
N PRO B 246 16.36 26.16 3.43
CA PRO B 246 16.60 26.38 2.00
C PRO B 246 17.82 27.24 1.68
N ASN B 247 18.23 28.12 2.59
CA ASN B 247 19.42 28.94 2.34
C ASN B 247 20.70 28.26 2.84
N GLY B 248 20.59 27.11 3.50
CA GLY B 248 21.75 26.38 3.95
C GLY B 248 22.35 26.82 5.26
N ASN B 249 21.78 27.83 5.92
CA ASN B 249 22.33 28.36 7.16
C ASN B 249 21.67 27.77 8.40
N ALA B 250 20.72 26.83 8.24
CA ALA B 250 20.05 26.23 9.38
C ALA B 250 19.53 24.87 8.98
N PHE B 251 19.15 24.08 9.99
CA PHE B 251 18.50 22.80 9.75
C PHE B 251 17.57 22.49 10.91
N ALA B 252 16.57 21.65 10.64
CA ALA B 252 15.61 21.20 11.63
C ALA B 252 15.72 19.69 11.80
N THR B 253 15.50 19.23 13.03
CA THR B 253 15.55 17.82 13.36
C THR B 253 14.23 17.37 13.97
N GLY B 254 13.98 16.06 13.89
CA GLY B 254 12.85 15.45 14.56
C GLY B 254 13.26 14.22 15.34
N SER B 255 12.81 14.11 16.59
CA SER B 255 13.22 13.04 17.48
C SER B 255 12.01 12.27 17.99
N ASP B 256 12.28 11.24 18.78
CA ASP B 256 11.23 10.46 19.42
C ASP B 256 10.62 11.15 20.63
N ASP B 257 11.17 12.29 21.06
CA ASP B 257 10.62 13.02 22.19
C ASP B 257 9.50 13.99 21.78
N ALA B 258 8.91 13.79 20.60
CA ALA B 258 7.76 14.58 20.15
C ALA B 258 8.10 16.06 19.98
N THR B 259 9.36 16.38 19.68
CA THR B 259 9.78 17.76 19.52
C THR B 259 10.56 17.91 18.23
N CYS B 260 10.46 19.10 17.64
CA CYS B 260 11.31 19.52 16.53
C CYS B 260 12.13 20.72 16.96
N ARG B 261 13.41 20.73 16.60
CA ARG B 261 14.32 21.79 16.98
C ARG B 261 14.92 22.41 15.72
N LEU B 262 15.07 23.74 15.74
CA LEU B 262 15.68 24.48 14.63
C LEU B 262 17.06 24.91 15.10
N PHE B 263 18.10 24.30 14.52
CA PHE B 263 19.47 24.65 14.84
C PHE B 263 20.05 25.58 13.79
N ASP B 264 20.90 26.49 14.22
CA ASP B 264 21.60 27.43 13.34
C ASP B 264 23.05 27.01 13.23
N LEU B 265 23.58 27.01 12.00
CA LEU B 265 24.96 26.63 11.79
C LEU B 265 25.90 27.69 12.36
N ARG B 266 25.65 28.96 12.05
CA ARG B 266 26.57 30.02 12.44
C ARG B 266 26.47 30.34 13.92
N ALA B 267 25.26 30.33 14.48
CA ALA B 267 25.11 30.51 15.92
C ALA B 267 25.47 29.27 16.72
N ASP B 268 25.55 28.10 16.06
CA ASP B 268 26.03 26.87 16.68
C ASP B 268 25.21 26.48 17.90
N GLN B 269 23.89 26.66 17.82
CA GLN B 269 23.02 26.34 18.94
C GLN B 269 21.58 26.24 18.45
N GLU B 270 20.73 25.70 19.31
CA GLU B 270 19.31 25.61 19.03
C GLU B 270 18.66 26.98 19.06
N LEU B 271 17.73 27.22 18.14
CA LEU B 271 17.02 28.49 18.07
C LEU B 271 15.56 28.40 18.46
N MET B 272 14.91 27.27 18.24
CA MET B 272 13.47 27.18 18.45
C MET B 272 13.08 25.71 18.59
N THR B 273 12.07 25.46 19.42
CA THR B 273 11.53 24.12 19.63
C THR B 273 10.08 24.09 19.18
N TYR B 274 9.71 23.02 18.47
CA TYR B 274 8.37 22.85 17.92
C TYR B 274 7.74 21.62 18.58
N SER B 275 7.00 21.85 19.67
CA SER B 275 6.34 20.77 20.38
C SER B 275 5.00 21.24 20.92
N HIS B 276 4.11 20.28 21.14
CA HIS B 276 2.79 20.55 21.69
C HIS B 276 2.51 19.53 22.80
N ASP B 277 1.66 19.92 23.75
CA ASP B 277 1.34 19.03 24.86
C ASP B 277 0.55 17.82 24.41
N ASN B 278 -0.33 17.98 23.42
CA ASN B 278 -1.07 16.83 22.91
C ASN B 278 -0.17 15.84 22.18
N ILE B 279 0.93 16.31 21.60
CA ILE B 279 1.81 15.45 20.82
C ILE B 279 2.75 14.70 21.76
N ILE B 280 2.64 13.38 21.78
CA ILE B 280 3.46 12.55 22.65
C ILE B 280 4.11 11.44 21.83
N CYS B 281 3.96 11.48 20.51
CA CYS B 281 4.47 10.45 19.63
C CYS B 281 5.75 10.88 18.94
N GLY B 282 6.49 9.91 18.45
CA GLY B 282 7.75 10.20 17.78
C GLY B 282 7.54 10.84 16.41
N ILE B 283 8.60 11.48 15.93
CA ILE B 283 8.61 12.15 14.64
C ILE B 283 9.43 11.30 13.67
N THR B 284 8.90 11.10 12.46
CA THR B 284 9.55 10.25 11.47
C THR B 284 10.22 11.00 10.34
N SER B 285 9.69 12.16 9.95
CA SER B 285 10.20 12.88 8.79
C SER B 285 9.94 14.37 8.97
N VAL B 286 10.85 15.18 8.43
CA VAL B 286 10.75 16.64 8.48
C VAL B 286 11.16 17.21 7.13
N SER B 287 10.55 18.32 6.75
CA SER B 287 10.90 19.01 5.52
C SER B 287 10.44 20.46 5.63
N PHE B 288 11.02 21.30 4.77
CA PHE B 288 10.68 22.71 4.70
C PHE B 288 9.99 23.02 3.38
N SER B 289 9.15 24.05 3.41
CA SER B 289 8.61 24.60 2.17
C SER B 289 9.71 25.37 1.43
N LYS B 290 9.39 25.79 0.21
CA LYS B 290 10.40 26.38 -0.66
C LYS B 290 11.00 27.65 -0.05
N SER B 291 10.16 28.48 0.56
CA SER B 291 10.64 29.67 1.24
C SER B 291 11.15 29.38 2.64
N GLY B 292 10.95 28.18 3.17
CA GLY B 292 11.36 27.85 4.51
C GLY B 292 10.44 28.31 5.61
N ARG B 293 9.34 28.99 5.26
CA ARG B 293 8.43 29.50 6.28
C ARG B 293 7.65 28.38 6.96
N LEU B 294 7.42 27.27 6.27
CA LEU B 294 6.66 26.15 6.80
C LEU B 294 7.59 24.98 7.09
N LEU B 295 7.40 24.36 8.25
CA LEU B 295 8.08 23.13 8.62
C LEU B 295 7.05 22.02 8.72
N LEU B 296 7.15 21.03 7.84
CA LEU B 296 6.23 19.90 7.81
C LEU B 296 6.90 18.70 8.47
N ALA B 297 6.19 18.09 9.42
CA ALA B 297 6.72 16.96 10.18
C ALA B 297 5.72 15.82 10.17
N GLY B 298 6.19 14.61 9.94
CA GLY B 298 5.37 13.41 10.03
C GLY B 298 5.52 12.76 11.39
N TYR B 299 4.43 12.19 11.88
CA TYR B 299 4.34 11.71 13.25
C TYR B 299 3.84 10.27 13.27
N ASP B 300 4.05 9.62 14.42
CA ASP B 300 3.53 8.27 14.63
C ASP B 300 2.02 8.24 14.82
N ASP B 301 1.40 9.36 15.18
CA ASP B 301 -0.04 9.39 15.45
C ASP B 301 -0.88 9.52 14.19
N PHE B 302 -0.33 9.12 13.04
CA PHE B 302 -1.00 9.01 11.74
C PHE B 302 -1.19 10.36 11.08
N ASN B 303 -0.63 11.44 11.61
CA ASN B 303 -0.87 12.78 11.11
C ASN B 303 0.44 13.43 10.69
N CYS B 304 0.31 14.48 9.87
CA CYS B 304 1.42 15.33 9.49
C CYS B 304 1.08 16.76 9.91
N ASN B 305 1.89 17.34 10.78
CA ASN B 305 1.66 18.67 11.30
C ASN B 305 2.53 19.68 10.56
N VAL B 306 1.89 20.74 10.04
CA VAL B 306 2.60 21.83 9.40
C VAL B 306 2.85 22.91 10.44
N TRP B 307 4.11 23.22 10.69
CA TRP B 307 4.49 24.20 11.69
C TRP B 307 4.91 25.51 11.03
N ASP B 308 4.70 26.62 11.74
CA ASP B 308 5.31 27.90 11.39
C ASP B 308 6.74 27.89 11.91
N ALA B 309 7.71 27.89 11.00
CA ALA B 309 9.10 27.77 11.40
C ALA B 309 9.55 28.95 12.26
N LEU B 310 9.10 30.16 11.91
CA LEU B 310 9.55 31.35 12.63
C LEU B 310 8.84 31.50 13.97
N LYS B 311 7.55 31.18 14.04
CA LYS B 311 6.76 31.46 15.23
C LYS B 311 6.41 30.21 16.04
N ALA B 312 6.82 29.03 15.59
CA ALA B 312 6.59 27.78 16.32
C ALA B 312 5.10 27.55 16.58
N ASP B 313 4.27 27.89 15.62
CA ASP B 313 2.83 27.68 15.69
C ASP B 313 2.43 26.56 14.74
N ARG B 314 1.56 25.68 15.19
CA ARG B 314 1.03 24.62 14.33
C ARG B 314 0.04 25.23 13.35
N ALA B 315 0.47 25.37 12.09
CA ALA B 315 -0.35 26.05 11.10
C ALA B 315 -1.48 25.16 10.58
N GLY B 316 -1.24 23.86 10.47
CA GLY B 316 -2.26 22.96 9.95
C GLY B 316 -1.86 21.52 10.19
N VAL B 317 -2.76 20.63 9.77
CA VAL B 317 -2.58 19.18 9.93
C VAL B 317 -2.93 18.51 8.61
N LEU B 318 -2.08 17.58 8.17
CA LEU B 318 -2.40 16.71 7.05
C LEU B 318 -2.79 15.35 7.61
N ALA B 319 -4.09 15.08 7.63
CA ALA B 319 -4.63 13.82 8.17
C ALA B 319 -5.26 13.05 7.01
N GLY B 320 -4.48 12.16 6.41
CA GLY B 320 -4.98 11.36 5.31
C GLY B 320 -4.44 9.95 5.27
N HIS B 321 -3.87 9.48 6.38
CA HIS B 321 -3.30 8.14 6.43
C HIS B 321 -3.83 7.39 7.64
N ASP B 322 -3.94 6.08 7.48
CA ASP B 322 -4.47 5.20 8.52
C ASP B 322 -3.36 4.46 9.27
N ASN B 323 -2.10 4.80 9.02
CA ASN B 323 -0.97 4.24 9.76
C ASN B 323 0.10 5.31 9.86
N ARG B 324 1.28 4.93 10.35
CA ARG B 324 2.36 5.89 10.56
C ARG B 324 2.71 6.60 9.27
N VAL B 325 2.87 7.91 9.34
CA VAL B 325 3.51 8.68 8.28
C VAL B 325 5.02 8.46 8.40
N SER B 326 5.58 7.68 7.48
CA SER B 326 6.97 7.29 7.57
C SER B 326 7.92 8.27 6.88
N CYS B 327 7.44 9.03 5.92
CA CYS B 327 8.30 9.91 5.14
C CYS B 327 7.45 10.99 4.48
N LEU B 328 8.11 12.11 4.17
CA LEU B 328 7.48 13.17 3.38
C LEU B 328 8.57 13.97 2.70
N GLY B 329 8.17 14.71 1.67
CA GLY B 329 9.10 15.55 0.94
C GLY B 329 8.39 16.59 0.13
N VAL B 330 9.05 17.74 -0.05
CA VAL B 330 8.51 18.88 -0.77
C VAL B 330 9.28 19.05 -2.06
N THR B 331 8.57 19.32 -3.16
CA THR B 331 9.20 19.48 -4.46
C THR B 331 10.16 20.67 -4.46
N ASP B 332 11.08 20.66 -5.42
CA ASP B 332 12.05 21.74 -5.53
C ASP B 332 11.39 23.07 -5.87
N ASP B 333 10.34 23.06 -6.68
CA ASP B 333 9.60 24.29 -6.98
C ASP B 333 8.61 24.67 -5.89
N GLY B 334 8.43 23.82 -4.87
CA GLY B 334 7.55 24.13 -3.77
C GLY B 334 6.08 23.96 -4.07
N MET B 335 5.73 23.31 -5.19
CA MET B 335 4.34 23.27 -5.61
C MET B 335 3.51 22.31 -4.77
N ALA B 336 4.09 21.18 -4.36
CA ALA B 336 3.34 20.15 -3.67
C ALA B 336 4.24 19.44 -2.68
N VAL B 337 3.61 18.73 -1.75
CA VAL B 337 4.30 17.90 -0.77
C VAL B 337 3.72 16.49 -0.86
N ALA B 338 4.59 15.49 -0.88
CA ALA B 338 4.19 14.09 -0.88
C ALA B 338 4.44 13.49 0.50
N THR B 339 3.50 12.66 0.96
CA THR B 339 3.64 11.94 2.22
C THR B 339 3.49 10.46 1.96
N GLY B 340 4.44 9.68 2.46
CA GLY B 340 4.38 8.23 2.41
C GLY B 340 4.06 7.69 3.79
N SER B 341 3.46 6.49 3.82
CA SER B 341 2.95 5.96 5.06
C SER B 341 3.04 4.44 5.07
N TRP B 342 2.97 3.87 6.26
CA TRP B 342 2.94 2.42 6.44
C TRP B 342 1.66 1.78 5.93
N ASP B 343 0.64 2.57 5.58
CA ASP B 343 -0.58 2.03 5.00
C ASP B 343 -0.46 1.73 3.52
N SER B 344 0.75 1.87 2.95
CA SER B 344 1.12 1.49 1.59
C SER B 344 0.63 2.50 0.55
N PHE B 345 0.28 3.72 0.94
CA PHE B 345 -0.21 4.72 0.01
C PHE B 345 0.68 5.95 0.06
N LEU B 346 0.78 6.63 -1.08
CA LEU B 346 1.40 7.95 -1.18
C LEU B 346 0.35 8.97 -1.56
N LYS B 347 0.43 10.16 -0.96
CA LYS B 347 -0.52 11.22 -1.23
C LYS B 347 0.22 12.51 -1.56
N ILE B 348 -0.33 13.27 -2.50
CA ILE B 348 0.23 14.55 -2.93
C ILE B 348 -0.69 15.65 -2.41
N TRP B 349 -0.10 16.64 -1.75
CA TRP B 349 -0.87 17.70 -1.09
C TRP B 349 -0.44 19.06 -1.60
N ASN B 350 -1.39 19.96 -1.74
CA ASN B 350 -1.13 21.39 -1.86
C ASN B 350 -2.40 22.14 -1.52
N GLY B 351 -2.27 23.46 -1.32
CA GLY B 351 -3.39 24.28 -0.93
C GLY B 351 -4.16 24.81 -2.13
N SER B 352 -5.22 25.56 -1.82
CA SER B 352 -6.03 26.21 -2.83
C SER B 352 -6.31 27.64 -2.42
N SER B 353 -6.43 28.52 -3.41
CA SER B 353 -6.70 29.93 -3.16
C SER B 353 -8.11 30.11 -2.60
N THR C 6 45.04 -0.15 25.85
CA THR C 6 45.27 1.26 25.59
C THR C 6 44.28 1.81 24.56
N ALA C 7 43.12 1.14 24.46
CA ALA C 7 42.09 1.61 23.53
C ALA C 7 41.39 2.86 24.06
N SER C 8 41.07 2.88 25.35
CA SER C 8 40.37 4.02 25.94
C SER C 8 41.22 5.28 25.91
N ILE C 9 42.51 5.16 26.21
CA ILE C 9 43.38 6.33 26.24
C ILE C 9 43.56 6.90 24.83
N ALA C 10 43.61 6.03 23.81
CA ALA C 10 43.71 6.51 22.44
C ALA C 10 42.45 7.24 22.01
N GLN C 11 41.28 6.71 22.40
CA GLN C 11 40.02 7.38 22.06
C GLN C 11 39.89 8.72 22.79
N ALA C 12 40.39 8.80 24.02
CA ALA C 12 40.29 10.04 24.78
C ALA C 12 41.04 11.18 24.11
N ARG C 13 42.22 10.89 23.56
CA ARG C 13 42.99 11.93 22.88
C ARG C 13 42.25 12.45 21.65
N LYS C 14 41.61 11.55 20.90
CA LYS C 14 40.88 11.97 19.70
C LYS C 14 39.67 12.83 20.06
N LEU C 15 38.93 12.45 21.11
CA LEU C 15 37.76 13.21 21.51
C LEU C 15 38.15 14.61 21.99
N VAL C 16 39.23 14.71 22.76
CA VAL C 16 39.69 16.02 23.22
C VAL C 16 40.12 16.89 22.04
N GLU C 17 40.84 16.29 21.08
CA GLU C 17 41.30 17.07 19.93
C GLU C 17 40.14 17.58 19.09
N GLN C 18 39.08 16.78 18.96
CA GLN C 18 37.92 17.22 18.21
C GLN C 18 37.22 18.40 18.88
N LEU C 19 37.10 18.36 20.22
CA LEU C 19 36.43 19.44 20.93
C LEU C 19 37.19 20.76 20.80
N LYS C 20 38.51 20.71 20.60
CA LYS C 20 39.28 21.92 20.39
C LYS C 20 38.89 22.59 19.07
N MET C 21 38.69 21.79 18.01
CA MET C 21 38.31 22.34 16.72
C MET C 21 36.94 23.02 16.78
N GLU C 22 35.99 22.42 17.49
CA GLU C 22 34.64 22.98 17.55
C GLU C 22 34.60 24.24 18.40
N ALA C 23 35.51 24.37 19.37
CA ALA C 23 35.52 25.53 20.25
C ALA C 23 36.20 26.74 19.65
N ASN C 24 36.87 26.60 18.50
CA ASN C 24 37.62 27.69 17.89
C ASN C 24 36.89 28.31 16.71
N ILE C 25 35.61 28.01 16.53
CA ILE C 25 34.86 28.57 15.40
C ILE C 25 34.32 29.95 15.78
N ASP C 26 34.07 30.76 14.75
CA ASP C 26 33.47 32.07 14.96
C ASP C 26 31.96 31.95 15.04
N ARG C 27 31.38 32.51 16.10
CA ARG C 27 29.94 32.45 16.33
C ARG C 27 29.35 33.85 16.23
N ILE C 28 28.29 34.00 15.44
CA ILE C 28 27.54 35.24 15.37
C ILE C 28 26.44 35.21 16.42
N LYS C 29 25.88 36.38 16.71
CA LYS C 29 24.81 36.47 17.68
C LYS C 29 23.55 35.76 17.17
N VAL C 30 22.75 35.26 18.10
CA VAL C 30 21.51 34.59 17.74
C VAL C 30 20.55 35.58 17.09
N SER C 31 20.55 36.83 17.56
CA SER C 31 19.70 37.84 16.94
C SER C 31 20.08 38.09 15.49
N LYS C 32 21.38 38.12 15.20
CA LYS C 32 21.83 38.25 13.81
C LYS C 32 21.42 37.03 12.98
N ALA C 33 21.58 35.83 13.54
CA ALA C 33 21.17 34.63 12.82
C ALA C 33 19.66 34.55 12.67
N ALA C 34 18.92 34.96 13.69
CA ALA C 34 17.46 34.94 13.60
C ALA C 34 16.96 35.90 12.53
N ALA C 35 17.58 37.07 12.41
CA ALA C 35 17.16 38.04 11.41
C ALA C 35 17.36 37.51 10.00
N ASP C 36 18.47 36.80 9.76
CA ASP C 36 18.71 36.25 8.43
C ASP C 36 17.66 35.21 8.05
N LEU C 37 17.27 34.35 8.99
CA LEU C 37 16.22 33.38 8.71
C LEU C 37 14.89 34.07 8.44
N MET C 38 14.57 35.10 9.22
CA MET C 38 13.34 35.84 9.00
C MET C 38 13.39 36.60 7.66
N ALA C 39 14.55 37.14 7.30
CA ALA C 39 14.68 37.86 6.05
C ALA C 39 14.50 36.93 4.85
N TYR C 40 15.08 35.73 4.92
CA TYR C 40 14.99 34.80 3.80
C TYR C 40 13.55 34.36 3.57
N CYS C 41 12.80 34.08 4.64
CA CYS C 41 11.40 33.70 4.49
C CYS C 41 10.59 34.83 3.89
N GLU C 42 10.84 36.07 4.32
CA GLU C 42 10.10 37.21 3.78
C GLU C 42 10.42 37.42 2.30
N ALA C 43 11.68 37.31 1.92
CA ALA C 43 12.08 37.60 0.54
C ALA C 43 11.50 36.58 -0.44
N HIS C 44 11.37 35.32 -0.03
CA HIS C 44 10.89 34.26 -0.89
C HIS C 44 9.45 33.86 -0.60
N ALA C 45 8.71 34.69 0.14
CA ALA C 45 7.35 34.35 0.53
C ALA C 45 6.44 34.22 -0.68
N LYS C 46 6.60 35.11 -1.66
CA LYS C 46 5.69 35.12 -2.81
C LYS C 46 5.85 33.89 -3.68
N GLU C 47 7.07 33.35 -3.78
CA GLU C 47 7.33 32.17 -4.59
C GLU C 47 7.18 30.86 -3.80
N ASP C 48 6.40 30.86 -2.73
CA ASP C 48 6.13 29.64 -1.97
C ASP C 48 4.68 29.22 -2.21
N PRO C 49 4.44 28.23 -3.07
CA PRO C 49 3.04 27.83 -3.33
C PRO C 49 2.32 27.29 -2.11
N LEU C 50 3.02 26.59 -1.21
CA LEU C 50 2.36 26.06 -0.03
C LEU C 50 1.94 27.17 0.93
N LEU C 51 2.80 28.18 1.10
CA LEU C 51 2.45 29.31 1.95
C LEU C 51 1.34 30.15 1.33
N THR C 52 1.49 30.50 0.05
CA THR C 52 0.49 31.27 -0.69
C THR C 52 0.00 30.45 -1.87
N PRO C 53 -1.14 29.77 -1.74
CA PRO C 53 -1.61 28.90 -2.83
C PRO C 53 -1.81 29.66 -4.13
N VAL C 54 -1.41 29.03 -5.23
CA VAL C 54 -1.46 29.62 -6.55
C VAL C 54 -2.87 29.47 -7.11
N PRO C 55 -3.27 30.26 -8.11
CA PRO C 55 -4.57 30.03 -8.75
C PRO C 55 -4.64 28.67 -9.41
N ALA C 56 -5.86 28.12 -9.48
CA ALA C 56 -6.05 26.76 -9.98
C ALA C 56 -5.50 26.58 -11.40
N SER C 57 -5.44 27.67 -12.18
CA SER C 57 -4.89 27.57 -13.52
C SER C 57 -3.40 27.25 -13.49
N GLU C 58 -2.70 27.66 -12.45
CA GLU C 58 -1.25 27.47 -12.33
C GLU C 58 -0.90 26.25 -11.49
N ASN C 59 -1.88 25.47 -11.06
CA ASN C 59 -1.63 24.32 -10.20
C ASN C 59 -1.56 23.06 -11.05
N PRO C 60 -0.40 22.41 -11.15
CA PRO C 60 -0.31 21.16 -11.93
C PRO C 60 -1.15 20.03 -11.35
N PHE C 61 -1.56 20.10 -10.09
CA PHE C 61 -2.25 19.02 -9.41
C PHE C 61 -3.73 19.31 -9.21
N ARG C 62 -4.36 19.98 -10.18
CA ARG C 62 -5.81 20.28 -10.13
C ARG C 62 -6.65 19.06 -9.77
N ASP D 1 24.91 -5.42 -28.32
CA ASP D 1 24.36 -4.14 -28.74
C ASP D 1 22.93 -4.31 -29.23
N VAL D 2 22.19 -3.19 -29.27
CA VAL D 2 20.80 -3.24 -29.71
C VAL D 2 20.75 -3.51 -31.21
N GLN D 3 19.99 -4.53 -31.60
CA GLN D 3 19.92 -4.96 -32.99
C GLN D 3 18.47 -5.24 -33.37
N LEU D 4 18.13 -4.92 -34.61
CA LEU D 4 16.82 -5.24 -35.19
C LEU D 4 17.04 -5.71 -36.62
N VAL D 5 16.87 -7.00 -36.86
CA VAL D 5 17.13 -7.62 -38.15
C VAL D 5 15.81 -8.06 -38.75
N GLU D 6 15.52 -7.58 -39.96
CA GLU D 6 14.31 -7.94 -40.67
C GLU D 6 14.60 -9.03 -41.70
N SER D 7 13.61 -9.87 -41.94
CA SER D 7 13.74 -10.97 -42.89
C SER D 7 12.36 -11.30 -43.45
N GLY D 8 12.36 -12.06 -44.54
CA GLY D 8 11.13 -12.46 -45.19
C GLY D 8 10.81 -11.69 -46.47
N GLY D 9 11.54 -10.64 -46.78
CA GLY D 9 11.29 -9.89 -47.99
C GLY D 9 11.77 -10.60 -49.24
N GLY D 10 11.24 -10.19 -50.37
CA GLY D 10 11.59 -10.78 -51.64
C GLY D 10 10.52 -10.52 -52.68
N LEU D 11 10.79 -11.01 -53.88
CA LEU D 11 9.88 -10.81 -55.00
C LEU D 11 8.65 -11.69 -54.85
N VAL D 12 7.47 -11.06 -54.87
CA VAL D 12 6.21 -11.78 -54.74
C VAL D 12 5.28 -11.36 -55.87
N GLN D 13 4.32 -12.25 -56.17
CA GLN D 13 3.34 -11.97 -57.20
C GLN D 13 2.26 -11.04 -56.66
N PRO D 14 1.65 -10.22 -57.51
CA PRO D 14 0.54 -9.37 -57.05
C PRO D 14 -0.61 -10.21 -56.52
N GLY D 15 -1.23 -9.74 -55.44
CA GLY D 15 -2.30 -10.46 -54.79
C GLY D 15 -1.83 -11.60 -53.90
N GLY D 16 -0.52 -11.77 -53.72
CA GLY D 16 0.02 -12.83 -52.90
C GLY D 16 0.11 -12.46 -51.44
N SER D 17 0.76 -13.34 -50.68
CA SER D 17 0.94 -13.15 -49.25
C SER D 17 2.40 -13.39 -48.89
N ARG D 18 2.89 -12.62 -47.91
CA ARG D 18 4.26 -12.73 -47.45
C ARG D 18 4.31 -12.41 -45.95
N LYS D 19 5.23 -13.06 -45.26
CA LYS D 19 5.38 -12.93 -43.81
C LYS D 19 6.73 -12.32 -43.50
N LEU D 20 6.72 -11.12 -42.90
CA LEU D 20 7.94 -10.44 -42.51
C LEU D 20 8.21 -10.66 -41.03
N SER D 21 9.47 -10.89 -40.69
CA SER D 21 9.89 -11.12 -39.32
C SER D 21 10.90 -10.08 -38.90
N CYS D 22 10.84 -9.68 -37.63
CA CYS D 22 11.80 -8.74 -37.04
C CYS D 22 12.31 -9.33 -35.74
N SER D 23 13.55 -9.82 -35.76
CA SER D 23 14.16 -10.42 -34.57
C SER D 23 14.91 -9.35 -33.78
N ALA D 24 14.63 -9.28 -32.49
CA ALA D 24 15.22 -8.27 -31.61
C ALA D 24 16.21 -8.92 -30.66
N SER D 25 17.37 -8.31 -30.49
CA SER D 25 18.37 -8.76 -29.55
C SER D 25 19.04 -7.57 -28.89
N GLY D 26 19.48 -7.78 -27.64
CA GLY D 26 20.21 -6.76 -26.92
C GLY D 26 19.38 -5.77 -26.15
N PHE D 27 18.06 -5.95 -26.08
CA PHE D 27 17.22 -5.07 -25.28
C PHE D 27 15.96 -5.82 -24.87
N ALA D 28 15.27 -5.27 -23.87
CA ALA D 28 14.04 -5.87 -23.37
C ALA D 28 12.90 -5.68 -24.36
N PHE D 29 12.71 -6.65 -25.24
CA PHE D 29 11.75 -6.49 -26.35
C PHE D 29 10.33 -6.30 -25.84
N SER D 30 9.94 -7.05 -24.80
CA SER D 30 8.56 -6.99 -24.31
C SER D 30 8.20 -5.64 -23.73
N SER D 31 9.19 -4.81 -23.38
CA SER D 31 8.93 -3.49 -22.82
C SER D 31 8.70 -2.42 -23.88
N PHE D 32 9.00 -2.70 -25.14
CA PHE D 32 8.96 -1.71 -26.21
C PHE D 32 7.75 -1.95 -27.10
N GLY D 33 7.02 -0.88 -27.42
CA GLY D 33 6.12 -0.93 -28.55
C GLY D 33 6.88 -0.97 -29.86
N MET D 34 6.25 -1.54 -30.88
CA MET D 34 6.92 -1.76 -32.15
C MET D 34 6.09 -1.18 -33.29
N HIS D 35 6.76 -0.54 -34.24
CA HIS D 35 6.14 0.00 -35.44
C HIS D 35 6.77 -0.62 -36.68
N TRP D 36 5.98 -0.76 -37.73
CA TRP D 36 6.49 -0.99 -39.08
C TRP D 36 6.35 0.28 -39.89
N VAL D 37 7.46 0.73 -40.48
CA VAL D 37 7.48 1.89 -41.36
C VAL D 37 8.11 1.45 -42.67
N ARG D 38 7.46 1.78 -43.79
CA ARG D 38 7.99 1.45 -45.10
C ARG D 38 8.35 2.72 -45.87
N GLN D 39 9.21 2.53 -46.88
CA GLN D 39 9.68 3.63 -47.72
C GLN D 39 9.72 3.14 -49.16
N ALA D 40 8.83 3.67 -49.99
CA ALA D 40 8.84 3.31 -51.40
C ALA D 40 10.11 3.82 -52.08
N PRO D 41 10.60 3.11 -53.09
CA PRO D 41 11.83 3.54 -53.77
C PRO D 41 11.71 4.96 -54.30
N GLU D 42 12.73 5.78 -54.01
CA GLU D 42 12.75 7.19 -54.38
C GLU D 42 11.53 7.93 -53.84
N LYS D 43 11.10 7.57 -52.63
CA LYS D 43 9.98 8.20 -51.97
C LYS D 43 10.30 8.37 -50.49
N GLY D 44 9.38 8.97 -49.76
CA GLY D 44 9.55 9.22 -48.34
C GLY D 44 9.05 8.07 -47.49
N LEU D 45 9.09 8.28 -46.18
CA LEU D 45 8.69 7.25 -45.23
C LEU D 45 7.18 7.21 -45.08
N GLU D 46 6.64 6.02 -44.85
CA GLU D 46 5.21 5.83 -44.66
C GLU D 46 4.98 4.83 -43.54
N TRP D 47 4.25 5.25 -42.51
CA TRP D 47 3.97 4.37 -41.37
C TRP D 47 2.93 3.32 -41.76
N VAL D 48 3.16 2.09 -41.33
CA VAL D 48 2.32 0.95 -41.71
C VAL D 48 1.44 0.49 -40.55
N ALA D 49 2.04 0.14 -39.42
CA ALA D 49 1.29 -0.47 -38.33
C ALA D 49 2.01 -0.22 -37.01
N TYR D 50 1.29 -0.47 -35.92
CA TYR D 50 1.84 -0.33 -34.58
C TYR D 50 1.21 -1.39 -33.68
N ILE D 51 2.05 -2.05 -32.88
CA ILE D 51 1.58 -2.92 -31.81
C ILE D 51 2.25 -2.48 -30.51
N SER D 52 1.45 -2.33 -29.46
CA SER D 52 1.96 -1.81 -28.21
C SER D 52 2.65 -2.92 -27.41
N SER D 53 3.38 -2.52 -26.38
CA SER D 53 3.89 -3.49 -25.41
C SER D 53 2.73 -4.18 -24.72
N GLY D 54 2.79 -5.52 -24.67
CA GLY D 54 1.69 -6.30 -24.15
C GLY D 54 0.60 -6.60 -25.13
N SER D 55 0.74 -6.15 -26.38
CA SER D 55 -0.17 -6.50 -27.49
C SER D 55 -1.58 -6.00 -27.24
N GLY D 56 -1.77 -5.06 -26.33
CA GLY D 56 -3.10 -4.59 -26.00
C GLY D 56 -3.67 -3.61 -27.00
N THR D 57 -2.81 -2.83 -27.66
CA THR D 57 -3.23 -1.81 -28.61
C THR D 57 -2.58 -2.09 -29.95
N ILE D 58 -3.37 -2.07 -31.01
CA ILE D 58 -2.90 -2.30 -32.38
C ILE D 58 -3.51 -1.25 -33.29
N TYR D 59 -2.66 -0.61 -34.09
CA TYR D 59 -3.10 0.40 -35.05
C TYR D 59 -2.57 0.07 -36.43
N TYR D 60 -3.33 0.46 -37.45
CA TYR D 60 -2.96 0.24 -38.84
C TYR D 60 -3.16 1.53 -39.62
N ALA D 61 -2.36 1.68 -40.69
CA ALA D 61 -2.62 2.74 -41.66
C ALA D 61 -3.83 2.40 -42.51
N ASP D 62 -4.53 3.44 -42.99
CA ASP D 62 -5.75 3.21 -43.74
C ASP D 62 -5.47 2.46 -45.05
N THR D 63 -4.33 2.72 -45.68
CA THR D 63 -4.01 2.08 -46.95
C THR D 63 -3.72 0.59 -46.80
N VAL D 64 -3.46 0.12 -45.57
CA VAL D 64 -3.16 -1.28 -45.33
C VAL D 64 -4.12 -1.95 -44.36
N LYS D 65 -5.03 -1.20 -43.74
CA LYS D 65 -5.92 -1.78 -42.75
C LYS D 65 -6.84 -2.81 -43.39
N GLY D 66 -6.97 -3.97 -42.74
CA GLY D 66 -7.73 -5.08 -43.27
C GLY D 66 -6.92 -6.07 -44.07
N ARG D 67 -5.77 -5.68 -44.61
CA ARG D 67 -4.92 -6.57 -45.37
C ARG D 67 -3.67 -7.01 -44.63
N PHE D 68 -3.13 -6.16 -43.76
CA PHE D 68 -1.93 -6.46 -42.99
C PHE D 68 -2.31 -6.82 -41.57
N THR D 69 -1.59 -7.78 -41.00
CA THR D 69 -1.74 -8.14 -39.59
C THR D 69 -0.38 -8.10 -38.92
N ILE D 70 -0.27 -7.33 -37.83
CA ILE D 70 0.96 -7.18 -37.08
C ILE D 70 0.84 -7.92 -35.76
N SER D 71 1.88 -8.68 -35.40
CA SER D 71 1.86 -9.46 -34.17
C SER D 71 3.29 -9.58 -33.66
N ARG D 72 3.41 -9.95 -32.39
CA ARG D 72 4.71 -10.10 -31.73
C ARG D 72 4.73 -11.37 -30.91
N ASP D 73 5.92 -11.92 -30.73
CA ASP D 73 6.16 -13.08 -29.88
C ASP D 73 7.18 -12.67 -28.81
N ASP D 74 6.69 -12.27 -27.65
CA ASP D 74 7.57 -11.77 -26.59
C ASP D 74 8.60 -12.79 -26.13
N PRO D 75 8.26 -14.06 -25.86
CA PRO D 75 9.31 -15.01 -25.45
C PRO D 75 10.43 -15.18 -26.46
N LYS D 76 10.12 -15.12 -27.76
CA LYS D 76 11.14 -15.25 -28.79
C LYS D 76 11.72 -13.90 -29.23
N ASN D 77 11.18 -12.79 -28.72
CA ASN D 77 11.64 -11.45 -29.09
C ASN D 77 11.59 -11.25 -30.60
N THR D 78 10.50 -11.69 -31.22
CA THR D 78 10.31 -11.61 -32.66
C THR D 78 9.07 -10.80 -32.97
N LEU D 79 9.18 -9.88 -33.92
CA LEU D 79 8.04 -9.11 -34.41
C LEU D 79 7.66 -9.60 -35.80
N PHE D 80 6.36 -9.77 -36.03
CA PHE D 80 5.84 -10.33 -37.26
C PHE D 80 4.94 -9.31 -37.97
N LEU D 81 4.85 -9.45 -39.29
CA LEU D 81 3.92 -8.68 -40.10
C LEU D 81 3.36 -9.60 -41.17
N GLN D 82 2.13 -10.05 -40.99
CA GLN D 82 1.46 -10.91 -41.97
C GLN D 82 0.75 -10.02 -43.00
N MET D 83 1.13 -10.16 -44.26
CA MET D 83 0.58 -9.36 -45.34
C MET D 83 -0.22 -10.23 -46.30
N THR D 84 -1.34 -9.70 -46.77
CA THR D 84 -2.20 -10.40 -47.71
C THR D 84 -2.65 -9.43 -48.80
N SER D 85 -3.00 -9.99 -49.96
CA SER D 85 -3.49 -9.22 -51.11
C SER D 85 -2.49 -8.13 -51.50
N LEU D 86 -1.23 -8.51 -51.59
CA LEU D 86 -0.16 -7.54 -51.85
C LEU D 86 -0.33 -6.92 -53.24
N ARG D 87 -0.20 -5.61 -53.31
CA ARG D 87 -0.34 -4.84 -54.55
C ARG D 87 1.01 -4.27 -54.94
N SER D 88 1.06 -3.75 -56.18
CA SER D 88 2.29 -3.10 -56.65
C SER D 88 2.59 -1.84 -55.85
N GLU D 89 1.59 -1.27 -55.18
CA GLU D 89 1.80 -0.10 -54.33
C GLU D 89 2.53 -0.44 -53.04
N ASP D 90 2.67 -1.72 -52.71
CA ASP D 90 3.32 -2.15 -51.47
C ASP D 90 4.81 -2.41 -51.64
N THR D 91 5.35 -2.21 -52.84
CA THR D 91 6.79 -2.41 -53.07
C THR D 91 7.56 -1.32 -52.34
N ALA D 92 8.25 -1.69 -51.27
CA ALA D 92 8.98 -0.72 -50.46
C ALA D 92 9.95 -1.47 -49.57
N MET D 93 10.83 -0.70 -48.93
CA MET D 93 11.70 -1.20 -47.86
C MET D 93 10.99 -1.03 -46.53
N TYR D 94 10.80 -2.14 -45.82
CA TYR D 94 10.04 -2.16 -44.57
C TYR D 94 10.99 -2.13 -43.39
N TYR D 95 10.84 -1.13 -42.53
CA TYR D 95 11.72 -0.93 -41.38
C TYR D 95 11.02 -1.35 -40.09
N CYS D 96 11.78 -2.01 -39.22
CA CYS D 96 11.31 -2.38 -37.89
C CYS D 96 11.80 -1.34 -36.89
N VAL D 97 10.86 -0.71 -36.18
CA VAL D 97 11.17 0.41 -35.30
C VAL D 97 10.66 0.09 -33.90
N ARG D 98 11.55 0.24 -32.91
CA ARG D 98 11.17 0.11 -31.51
C ARG D 98 10.79 1.48 -30.95
N SER D 99 9.84 1.48 -30.02
CA SER D 99 9.42 2.72 -29.39
C SER D 99 8.80 2.39 -28.03
N ILE D 100 9.34 3.00 -26.97
CA ILE D 100 8.84 2.81 -25.62
C ILE D 100 8.22 4.14 -25.18
N TYR D 101 7.13 4.07 -24.42
CA TYR D 101 6.35 5.26 -24.09
C TYR D 101 6.20 5.38 -22.58
N TYR D 102 6.90 6.34 -22.01
CA TYR D 102 6.67 6.80 -20.65
C TYR D 102 7.14 8.25 -20.57
N TYR D 103 6.90 8.89 -19.43
CA TYR D 103 7.29 10.29 -19.28
C TYR D 103 8.78 10.46 -19.49
N GLY D 104 9.15 11.23 -20.51
CA GLY D 104 10.53 11.48 -20.83
C GLY D 104 11.19 10.45 -21.72
N SER D 105 10.45 9.46 -22.20
CA SER D 105 11.02 8.45 -23.08
C SER D 105 11.31 9.04 -24.46
N SER D 106 12.06 8.29 -25.26
CA SER D 106 12.42 8.69 -26.62
C SER D 106 11.91 7.63 -27.59
N PRO D 107 10.66 7.75 -28.05
CA PRO D 107 10.15 6.80 -29.05
C PRO D 107 10.87 6.93 -30.38
N PHE D 108 10.84 5.85 -31.15
CA PHE D 108 11.43 5.80 -32.49
C PHE D 108 12.94 6.00 -32.44
N ASP D 109 13.57 5.60 -31.34
CA ASP D 109 14.98 5.87 -31.15
C ASP D 109 15.86 4.95 -31.99
N PHE D 110 15.44 3.71 -32.20
CA PHE D 110 16.22 2.73 -32.95
C PHE D 110 15.40 2.15 -34.09
N TRP D 111 16.00 2.09 -35.28
CA TRP D 111 15.37 1.51 -36.46
C TRP D 111 16.17 0.30 -36.89
N GLY D 112 15.49 -0.66 -37.52
CA GLY D 112 16.16 -1.81 -38.09
C GLY D 112 16.78 -1.52 -39.44
N GLN D 113 17.55 -2.49 -39.93
CA GLN D 113 18.20 -2.32 -41.23
C GLN D 113 17.22 -2.39 -42.38
N GLY D 114 16.10 -3.09 -42.19
CA GLY D 114 15.05 -3.10 -43.18
C GLY D 114 15.14 -4.31 -44.10
N THR D 115 13.99 -4.69 -44.66
CA THR D 115 13.91 -5.76 -45.65
C THR D 115 13.14 -5.26 -46.85
N THR D 116 13.58 -5.65 -48.04
CA THR D 116 13.04 -5.13 -49.29
C THR D 116 11.97 -6.08 -49.82
N LEU D 117 10.79 -5.54 -50.13
CA LEU D 117 9.70 -6.29 -50.71
C LEU D 117 9.42 -5.73 -52.11
N THR D 118 9.39 -6.62 -53.10
CA THR D 118 9.11 -6.24 -54.48
C THR D 118 7.91 -7.02 -54.98
N VAL D 119 6.94 -6.30 -55.54
CA VAL D 119 5.73 -6.89 -56.09
C VAL D 119 5.75 -6.72 -57.60
N SER D 120 5.52 -7.82 -58.32
CA SER D 120 5.58 -7.82 -59.78
C SER D 120 4.44 -7.01 -60.40
N ASP D 137 -6.30 12.97 -41.03
CA ASP D 137 -4.86 12.77 -41.20
C ASP D 137 -4.14 14.12 -41.27
N ILE D 138 -3.20 14.33 -40.34
CA ILE D 138 -2.40 15.54 -40.35
C ILE D 138 -1.42 15.48 -41.52
N VAL D 139 -1.37 16.56 -42.30
CA VAL D 139 -0.49 16.65 -43.46
C VAL D 139 0.78 17.36 -43.06
N MET D 140 1.91 16.70 -43.21
CA MET D 140 3.22 17.28 -42.92
C MET D 140 3.87 17.69 -44.24
N THR D 141 4.24 18.96 -44.35
CA THR D 141 4.73 19.53 -45.60
C THR D 141 6.18 19.95 -45.45
N GLN D 142 7.03 19.47 -46.36
CA GLN D 142 8.41 19.92 -46.49
C GLN D 142 8.58 20.37 -47.95
N ALA D 143 8.26 21.65 -48.21
CA ALA D 143 8.25 22.13 -49.59
C ALA D 143 9.63 22.07 -50.21
N THR D 144 10.67 22.42 -49.46
CA THR D 144 12.03 22.39 -49.97
C THR D 144 12.49 20.94 -50.08
N SER D 145 12.54 20.42 -51.31
CA SER D 145 12.93 19.02 -51.50
C SER D 145 14.43 18.82 -51.30
N SER D 146 15.24 19.75 -51.80
CA SER D 146 16.70 19.62 -51.70
C SER D 146 17.31 20.95 -51.33
N VAL D 147 18.46 20.89 -50.64
CA VAL D 147 19.19 22.08 -50.21
C VAL D 147 20.68 21.85 -50.46
N PRO D 148 21.32 22.63 -51.33
CA PRO D 148 22.77 22.52 -51.50
C PRO D 148 23.49 23.14 -50.31
N VAL D 149 24.41 22.37 -49.71
CA VAL D 149 25.09 22.77 -48.50
C VAL D 149 26.59 22.57 -48.66
N THR D 150 27.35 23.26 -47.82
CA THR D 150 28.79 23.14 -47.74
C THR D 150 29.21 22.90 -46.30
N PRO D 151 30.28 22.12 -46.08
CA PRO D 151 30.69 21.80 -44.71
C PRO D 151 31.05 23.06 -43.93
N GLY D 152 30.71 23.04 -42.64
CA GLY D 152 31.01 24.14 -41.75
C GLY D 152 30.03 25.29 -41.78
N GLU D 153 28.96 25.19 -42.58
CA GLU D 153 27.98 26.26 -42.70
C GLU D 153 26.67 25.83 -42.04
N SER D 154 25.97 26.81 -41.49
CA SER D 154 24.73 26.55 -40.76
C SER D 154 23.57 26.35 -41.73
N VAL D 155 22.76 25.33 -41.48
CA VAL D 155 21.63 24.97 -42.33
C VAL D 155 20.38 24.90 -41.48
N SER D 156 19.27 25.41 -42.01
CA SER D 156 17.97 25.33 -41.37
C SER D 156 16.98 24.60 -42.27
N ILE D 157 16.21 23.68 -41.68
CA ILE D 157 15.21 22.91 -42.40
C ILE D 157 13.86 23.21 -41.76
N SER D 158 12.86 23.47 -42.60
CA SER D 158 11.54 23.88 -42.15
C SER D 158 10.53 22.76 -42.36
N CYS D 159 9.59 22.63 -41.43
CA CYS D 159 8.51 21.66 -41.52
C CYS D 159 7.20 22.35 -41.13
N ARG D 160 6.12 21.93 -41.76
CA ARG D 160 4.80 22.50 -41.50
C ARG D 160 3.79 21.37 -41.30
N SER D 161 2.75 21.66 -40.53
CA SER D 161 1.70 20.70 -40.23
C SER D 161 0.34 21.35 -40.48
N SER D 162 -0.62 20.55 -40.97
CA SER D 162 -1.96 21.06 -41.19
C SER D 162 -2.67 21.38 -39.88
N LYS D 163 -2.38 20.62 -38.83
CA LYS D 163 -2.95 20.84 -37.51
C LYS D 163 -1.86 21.26 -36.53
N SER D 164 -2.27 21.94 -35.47
CA SER D 164 -1.34 22.31 -34.41
C SER D 164 -0.92 21.06 -33.64
N LEU D 165 0.38 20.83 -33.56
CA LEU D 165 0.92 19.68 -32.84
C LEU D 165 1.11 19.94 -31.35
N LEU D 166 0.82 21.15 -30.88
CA LEU D 166 0.91 21.46 -29.46
C LEU D 166 -0.32 20.94 -28.74
N HIS D 167 -0.11 20.04 -27.79
CA HIS D 167 -1.18 19.48 -26.98
C HIS D 167 -1.42 20.34 -25.74
N SER D 168 -2.56 20.10 -25.09
CA SER D 168 -2.90 20.86 -23.89
C SER D 168 -1.99 20.55 -22.71
N ASN D 169 -1.18 19.49 -22.79
CA ASN D 169 -0.24 19.15 -21.73
C ASN D 169 1.12 19.82 -21.90
N GLY D 170 1.30 20.63 -22.96
CA GLY D 170 2.53 21.35 -23.18
C GLY D 170 3.49 20.71 -24.17
N ASN D 171 3.29 19.44 -24.50
CA ASN D 171 4.14 18.76 -25.47
C ASN D 171 3.77 19.16 -26.89
N THR D 172 4.79 19.24 -27.74
CA THR D 172 4.63 19.38 -29.19
C THR D 172 5.19 18.13 -29.84
N TYR D 173 4.29 17.26 -30.32
CA TYR D 173 4.64 15.91 -30.74
C TYR D 173 5.20 15.93 -32.17
N LEU D 174 6.41 16.46 -32.30
CA LEU D 174 7.12 16.49 -33.56
C LEU D 174 8.46 15.77 -33.43
N TYR D 175 8.77 14.94 -34.42
CA TYR D 175 9.99 14.14 -34.44
C TYR D 175 10.79 14.47 -35.68
N TRP D 176 12.12 14.39 -35.57
CA TRP D 176 13.02 14.59 -36.68
C TRP D 176 13.86 13.35 -36.90
N PHE D 177 13.97 12.92 -38.16
CA PHE D 177 14.75 11.74 -38.51
C PHE D 177 15.77 12.11 -39.59
N LEU D 178 16.89 11.39 -39.60
CA LEU D 178 17.91 11.54 -40.62
C LEU D 178 18.16 10.17 -41.25
N GLN D 179 18.04 10.10 -42.57
CA GLN D 179 18.32 8.89 -43.32
C GLN D 179 19.52 9.15 -44.23
N ARG D 180 20.70 8.74 -43.77
CA ARG D 180 21.89 8.84 -44.60
C ARG D 180 21.80 7.86 -45.77
N PRO D 181 22.45 8.17 -46.89
CA PRO D 181 22.36 7.28 -48.07
C PRO D 181 22.89 5.89 -47.74
N GLY D 182 22.03 4.89 -47.95
CA GLY D 182 22.38 3.52 -47.67
C GLY D 182 22.15 3.07 -46.25
N GLN D 183 21.72 3.97 -45.36
CA GLN D 183 21.54 3.66 -43.95
C GLN D 183 20.08 3.80 -43.55
N SER D 184 19.74 3.18 -42.42
CA SER D 184 18.42 3.32 -41.86
C SER D 184 18.24 4.69 -41.21
N PRO D 185 17.01 5.17 -41.08
CA PRO D 185 16.77 6.46 -40.43
C PRO D 185 17.25 6.43 -38.98
N GLN D 186 17.67 7.60 -38.50
CA GLN D 186 18.08 7.77 -37.12
C GLN D 186 17.32 8.94 -36.51
N LEU D 187 16.94 8.79 -35.24
CA LEU D 187 16.23 9.85 -34.53
C LEU D 187 17.20 10.97 -34.16
N LEU D 188 16.80 12.21 -34.47
CA LEU D 188 17.57 13.38 -34.06
C LEU D 188 16.88 14.15 -32.94
N ILE D 189 15.63 14.57 -33.15
CA ILE D 189 14.90 15.41 -32.19
C ILE D 189 13.56 14.75 -31.93
N TYR D 190 13.22 14.57 -30.66
CA TYR D 190 11.93 14.03 -30.26
C TYR D 190 11.18 15.06 -29.43
N ARG D 191 9.88 15.18 -29.70
CA ARG D 191 9.01 16.21 -29.12
C ARG D 191 9.57 17.61 -29.35
N MET D 192 10.10 17.84 -30.55
CA MET D 192 10.33 19.15 -31.15
C MET D 192 11.52 19.91 -30.53
N SER D 193 11.99 19.48 -29.36
CA SER D 193 13.13 20.17 -28.76
C SER D 193 14.20 19.25 -28.19
N ASN D 194 13.86 18.05 -27.73
CA ASN D 194 14.81 17.20 -27.04
C ASN D 194 15.76 16.52 -28.02
N LEU D 195 17.02 16.40 -27.62
CA LEU D 195 18.06 15.81 -28.45
C LEU D 195 18.21 14.33 -28.10
N ALA D 196 18.16 13.47 -29.11
CA ALA D 196 18.23 12.03 -28.87
C ALA D 196 19.63 11.62 -28.43
N SER D 197 19.69 10.51 -27.69
CA SER D 197 20.96 9.99 -27.20
C SER D 197 21.85 9.58 -28.36
N GLY D 198 23.12 9.98 -28.29
CA GLY D 198 24.07 9.67 -29.34
C GLY D 198 24.08 10.63 -30.51
N VAL D 199 23.35 11.74 -30.41
CA VAL D 199 23.26 12.73 -31.49
C VAL D 199 24.11 13.93 -31.10
N PRO D 200 24.95 14.45 -31.99
CA PRO D 200 25.79 15.59 -31.63
C PRO D 200 24.95 16.82 -31.28
N ASP D 201 25.49 17.63 -30.39
CA ASP D 201 24.78 18.80 -29.88
C ASP D 201 24.59 19.89 -30.94
N ARG D 202 25.25 19.78 -32.10
CA ARG D 202 25.07 20.79 -33.14
C ARG D 202 23.64 20.79 -33.68
N PHE D 203 22.97 19.65 -33.67
CA PHE D 203 21.56 19.61 -34.04
C PHE D 203 20.71 20.25 -32.95
N SER D 204 19.78 21.11 -33.36
CA SER D 204 18.85 21.76 -32.45
C SER D 204 17.49 21.88 -33.11
N GLY D 205 16.44 21.55 -32.37
CA GLY D 205 15.07 21.61 -32.85
C GLY D 205 14.31 22.76 -32.20
N SER D 206 13.74 23.62 -33.04
CA SER D 206 12.95 24.76 -32.60
C SER D 206 11.64 24.79 -33.38
N GLY D 207 10.56 25.12 -32.68
CA GLY D 207 9.27 25.20 -33.35
C GLY D 207 8.24 25.89 -32.49
N SER D 208 7.09 26.16 -33.09
CA SER D 208 5.94 26.69 -32.37
C SER D 208 4.69 26.40 -33.20
N GLY D 209 3.66 25.86 -32.54
CA GLY D 209 2.39 25.62 -33.20
C GLY D 209 2.48 24.69 -34.39
N THR D 210 2.41 25.26 -35.59
CA THR D 210 2.45 24.47 -36.83
C THR D 210 3.74 24.64 -37.62
N ALA D 211 4.62 25.55 -37.20
CA ALA D 211 5.86 25.83 -37.92
C ALA D 211 7.05 25.40 -37.08
N PHE D 212 7.94 24.61 -37.67
CA PHE D 212 9.08 24.05 -36.96
C PHE D 212 10.34 24.22 -37.80
N THR D 213 11.47 24.38 -37.11
CA THR D 213 12.76 24.58 -37.77
C THR D 213 13.80 23.68 -37.12
N LEU D 214 14.58 23.00 -37.95
CA LEU D 214 15.72 22.21 -37.49
C LEU D 214 17.00 22.92 -37.93
N THR D 215 17.78 23.37 -36.94
CA THR D 215 19.01 24.11 -37.22
C THR D 215 20.21 23.20 -37.03
N ILE D 216 21.09 23.15 -38.02
CA ILE D 216 22.26 22.30 -38.02
C ILE D 216 23.48 23.21 -38.12
N SER D 217 24.10 23.51 -36.97
CA SER D 217 25.29 24.35 -36.95
C SER D 217 26.52 23.52 -37.27
N ARG D 218 27.42 24.10 -38.06
CA ARG D 218 28.69 23.47 -38.44
C ARG D 218 28.45 22.10 -39.08
N LEU D 219 27.79 22.14 -40.24
CA LEU D 219 27.47 20.91 -40.96
C LEU D 219 28.72 20.13 -41.31
N GLU D 220 28.62 18.81 -41.25
CA GLU D 220 29.72 17.91 -41.56
C GLU D 220 29.30 16.94 -42.65
N ALA D 221 30.26 16.10 -43.08
CA ALA D 221 29.99 15.15 -44.15
C ALA D 221 28.95 14.12 -43.73
N GLU D 222 28.98 13.69 -42.46
CA GLU D 222 28.04 12.67 -42.00
C GLU D 222 26.60 13.19 -42.02
N ASP D 223 26.40 14.49 -41.81
CA ASP D 223 25.06 15.06 -41.78
C ASP D 223 24.36 15.01 -43.13
N VAL D 224 25.09 14.76 -44.22
CA VAL D 224 24.48 14.67 -45.54
C VAL D 224 23.46 13.55 -45.57
N GLY D 225 22.25 13.86 -46.02
CA GLY D 225 21.21 12.87 -46.10
C GLY D 225 19.85 13.54 -46.23
N VAL D 226 18.81 12.73 -46.11
CA VAL D 226 17.42 13.19 -46.18
C VAL D 226 16.90 13.34 -44.76
N TYR D 227 16.19 14.45 -44.50
CA TYR D 227 15.62 14.74 -43.20
C TYR D 227 14.10 14.68 -43.28
N TYR D 228 13.50 13.91 -42.39
CA TYR D 228 12.05 13.76 -42.33
C TYR D 228 11.53 14.27 -41.00
N CYS D 229 10.42 15.01 -41.05
CA CYS D 229 9.70 15.41 -39.85
C CYS D 229 8.42 14.58 -39.74
N MET D 230 8.22 13.98 -38.57
CA MET D 230 7.07 13.13 -38.30
C MET D 230 6.29 13.69 -37.12
N GLN D 231 4.96 13.58 -37.19
CA GLN D 231 4.09 13.96 -36.09
C GLN D 231 3.64 12.72 -35.32
N HIS D 232 3.60 12.82 -34.00
CA HIS D 232 3.09 11.76 -33.14
C HIS D 232 1.92 12.25 -32.28
N LEU D 233 1.21 13.29 -32.72
CA LEU D 233 0.07 13.79 -31.96
C LEU D 233 -1.06 12.76 -31.93
N GLU D 234 -1.29 12.08 -33.05
CA GLU D 234 -2.37 11.11 -33.15
C GLU D 234 -2.06 10.15 -34.28
N TYR D 235 -2.75 9.02 -34.27
CA TYR D 235 -2.63 8.03 -35.34
C TYR D 235 -3.64 8.33 -36.45
N PRO D 236 -3.28 8.09 -37.72
CA PRO D 236 -2.02 7.48 -38.21
C PRO D 236 -0.83 8.43 -38.22
N LEU D 237 0.34 7.92 -37.87
CA LEU D 237 1.57 8.71 -37.93
C LEU D 237 1.93 9.02 -39.37
N THR D 238 2.18 10.29 -39.66
CA THR D 238 2.47 10.74 -41.01
C THR D 238 3.84 11.40 -41.06
N PHE D 239 4.53 11.20 -42.18
CA PHE D 239 5.86 11.75 -42.41
C PHE D 239 5.78 12.90 -43.41
N GLY D 240 6.74 13.82 -43.31
CA GLY D 240 6.91 14.82 -44.34
C GLY D 240 7.55 14.26 -45.60
N ALA D 241 7.53 15.07 -46.66
CA ALA D 241 8.14 14.66 -47.92
C ALA D 241 9.63 14.39 -47.76
N GLY D 242 10.31 15.23 -47.00
CA GLY D 242 11.73 15.07 -46.75
C GLY D 242 12.55 16.14 -47.45
N THR D 243 13.58 16.62 -46.77
CA THR D 243 14.49 17.61 -47.31
C THR D 243 15.88 16.97 -47.42
N LYS D 244 16.43 16.96 -48.63
CA LYS D 244 17.72 16.35 -48.89
C LYS D 244 18.82 17.38 -48.82
N LEU D 245 19.92 17.03 -48.15
CA LEU D 245 21.11 17.86 -48.09
C LEU D 245 22.19 17.25 -48.99
N GLU D 246 22.73 18.06 -49.89
CA GLU D 246 23.76 17.61 -50.82
C GLU D 246 24.90 18.61 -50.85
N LEU D 247 26.11 18.11 -51.09
CA LEU D 247 27.29 18.94 -51.14
C LEU D 247 27.50 19.54 -52.53
N CYS E 64 -56.59 -7.84 -7.24
CA CYS E 64 -55.72 -7.95 -6.09
C CYS E 64 -56.50 -7.74 -4.79
N PHE E 65 -57.45 -6.82 -4.82
CA PHE E 65 -58.23 -6.45 -3.64
C PHE E 65 -59.21 -7.57 -3.31
N ARG E 66 -58.68 -8.61 -2.64
CA ARG E 66 -59.51 -9.73 -2.23
C ARG E 66 -60.50 -9.29 -1.15
N PRO E 67 -61.65 -9.97 -1.04
CA PRO E 67 -62.63 -9.60 -0.02
C PRO E 67 -62.06 -9.75 1.38
N THR E 68 -62.40 -8.78 2.25
CA THR E 68 -61.94 -8.78 3.63
C THR E 68 -63.07 -8.37 4.54
N ASN E 69 -63.16 -9.05 5.69
CA ASN E 69 -64.18 -8.75 6.71
C ASN E 69 -63.51 -8.90 8.08
N ILE E 70 -63.02 -7.78 8.61
CA ILE E 70 -62.34 -7.77 9.90
C ILE E 70 -63.38 -7.59 11.00
N THR E 71 -63.46 -8.57 11.89
CA THR E 71 -64.41 -8.51 12.99
C THR E 71 -63.93 -7.54 14.06
N LEU E 72 -64.89 -6.93 14.76
CA LEU E 72 -64.55 -5.98 15.82
C LEU E 72 -63.89 -6.69 17.00
N GLU E 73 -64.28 -7.93 17.28
CA GLU E 73 -63.67 -8.67 18.39
C GLU E 73 -62.20 -8.91 18.14
N GLU E 74 -61.83 -9.26 16.90
CA GLU E 74 -60.43 -9.51 16.55
C GLU E 74 -59.66 -8.23 16.25
N ARG E 75 -60.34 -7.07 16.22
CA ARG E 75 -59.66 -5.82 15.93
C ARG E 75 -58.72 -5.37 17.05
N ARG E 76 -58.79 -6.01 18.22
CA ARG E 76 -57.92 -5.66 19.34
C ARG E 76 -57.22 -6.86 19.97
N LEU E 77 -57.62 -8.09 19.64
CA LEU E 77 -57.02 -9.28 20.23
C LEU E 77 -55.90 -9.83 19.36
N ILE E 78 -56.22 -10.17 18.12
CA ILE E 78 -55.24 -10.72 17.17
C ILE E 78 -54.75 -9.65 16.21
N ALA E 79 -55.66 -8.88 15.63
CA ALA E 79 -55.30 -7.79 14.73
C ALA E 79 -55.19 -6.46 15.48
N SER E 80 -54.41 -6.46 16.55
CA SER E 80 -54.26 -5.25 17.37
C SER E 80 -53.46 -4.22 16.61
N PRO E 81 -53.91 -2.97 16.55
CA PRO E 81 -53.14 -1.94 15.82
C PRO E 81 -51.75 -1.71 16.39
N TRP E 82 -51.57 -1.82 17.70
CA TRP E 82 -50.27 -1.61 18.31
C TRP E 82 -49.36 -2.84 18.20
N PHE E 83 -49.88 -3.99 17.74
CA PHE E 83 -49.05 -5.18 17.63
C PHE E 83 -47.92 -4.97 16.62
N ALA E 84 -48.23 -4.34 15.49
CA ALA E 84 -47.24 -4.10 14.45
C ALA E 84 -46.55 -2.75 14.59
N ALA E 85 -46.98 -1.93 15.55
CA ALA E 85 -46.32 -0.65 15.80
C ALA E 85 -45.25 -0.74 16.87
N SER E 86 -45.43 -1.64 17.85
CA SER E 86 -44.40 -1.83 18.87
C SER E 86 -43.16 -2.48 18.27
N PHE E 87 -43.34 -3.39 17.32
CA PHE E 87 -42.20 -4.07 16.71
C PHE E 87 -41.32 -3.09 15.94
N CYS E 88 -41.93 -2.12 15.26
CA CYS E 88 -41.15 -1.13 14.52
C CYS E 88 -40.33 -0.25 15.46
N VAL E 89 -40.92 0.17 16.58
CA VAL E 89 -40.21 1.05 17.51
C VAL E 89 -39.01 0.32 18.10
N VAL E 90 -39.22 -0.92 18.55
CA VAL E 90 -38.12 -1.71 19.09
C VAL E 90 -37.13 -2.08 17.99
N GLY E 91 -37.65 -2.43 16.81
CA GLY E 91 -36.77 -2.82 15.72
C GLY E 91 -35.91 -1.67 15.21
N LEU E 92 -36.50 -0.49 15.05
CA LEU E 92 -35.72 0.67 14.60
C LEU E 92 -34.68 1.07 15.64
N ALA E 93 -35.05 1.05 16.92
CA ALA E 93 -34.10 1.40 17.96
C ALA E 93 -32.93 0.43 18.00
N SER E 94 -33.21 -0.87 17.88
CA SER E 94 -32.16 -1.88 17.95
C SER E 94 -31.19 -1.73 16.78
N ASN E 95 -31.71 -1.60 15.56
CA ASN E 95 -30.85 -1.46 14.39
C ASN E 95 -30.05 -0.16 14.44
N LEU E 96 -30.70 0.94 14.85
CA LEU E 96 -29.98 2.20 14.99
C LEU E 96 -28.87 2.10 16.04
N LEU E 97 -29.17 1.45 17.18
CA LEU E 97 -28.14 1.24 18.19
C LEU E 97 -27.00 0.38 17.63
N ALA E 98 -27.33 -0.65 16.85
CA ALA E 98 -26.30 -1.49 16.26
C ALA E 98 -25.68 -0.89 15.01
N LEU E 99 -26.24 0.20 14.47
CA LEU E 99 -25.64 0.87 13.33
C LEU E 99 -24.72 2.00 13.73
N SER E 100 -25.05 2.72 14.82
CA SER E 100 -24.12 3.72 15.34
C SER E 100 -22.86 3.06 15.88
N VAL E 101 -23.01 1.97 16.64
CA VAL E 101 -21.84 1.27 17.16
C VAL E 101 -21.06 0.58 16.06
N LEU E 102 -21.71 0.28 14.93
CA LEU E 102 -20.98 -0.25 13.78
C LEU E 102 -20.19 0.84 13.08
N ALA E 103 -20.63 2.10 13.20
CA ALA E 103 -19.89 3.20 12.59
C ALA E 103 -18.51 3.36 13.21
N GLY E 104 -18.42 3.23 14.54
CA GLY E 104 -17.13 3.35 15.20
C GLY E 104 -16.16 2.26 14.77
N ALA E 105 -16.66 1.04 14.58
CA ALA E 105 -15.80 -0.05 14.13
C ALA E 105 -15.27 0.20 12.72
N ARG E 106 -16.12 0.71 11.83
CA ARG E 106 -15.70 0.98 10.46
C ARG E 106 -14.79 2.20 10.40
N GLN E 107 -15.10 3.24 11.18
CA GLN E 107 -14.27 4.43 11.22
C GLN E 107 -12.99 4.21 12.01
N GLY E 108 -12.93 3.16 12.84
CA GLY E 108 -11.71 2.84 13.54
C GLY E 108 -10.65 2.17 12.68
N GLY E 109 -11.06 1.54 11.59
CA GLY E 109 -10.12 0.94 10.67
C GLY E 109 -9.44 -0.31 11.15
N SER E 110 -9.90 -0.88 12.27
CA SER E 110 -9.25 -2.03 12.89
C SER E 110 -9.80 -3.36 12.40
N HIS E 111 -10.75 -3.33 11.46
CA HIS E 111 -11.38 -4.55 10.94
C HIS E 111 -11.13 -4.61 9.43
N THR E 112 -9.98 -5.17 9.04
CA THR E 112 -9.53 -5.13 7.66
C THR E 112 -9.14 -6.49 7.10
N ARG E 113 -9.00 -7.53 7.92
CA ARG E 113 -8.63 -8.85 7.42
C ARG E 113 -9.82 -9.75 7.15
N SER E 114 -11.04 -9.28 7.37
CA SER E 114 -12.23 -10.10 7.17
C SER E 114 -13.28 -9.29 6.42
N SER E 115 -14.01 -9.96 5.54
CA SER E 115 -15.16 -9.38 4.86
C SER E 115 -16.39 -9.31 5.76
N PHE E 116 -16.23 -9.63 7.04
CA PHE E 116 -17.37 -9.73 7.95
C PHE E 116 -18.09 -8.40 8.09
N LEU E 117 -17.35 -7.30 8.23
CA LEU E 117 -17.98 -6.00 8.38
C LEU E 117 -18.75 -5.57 7.12
N THR E 118 -18.34 -6.06 5.95
CA THR E 118 -19.08 -5.75 4.73
C THR E 118 -20.45 -6.40 4.75
N PHE E 119 -20.51 -7.71 5.04
CA PHE E 119 -21.79 -8.39 5.15
C PHE E 119 -22.62 -7.83 6.29
N LEU E 120 -21.99 -7.58 7.44
CA LEU E 120 -22.73 -7.12 8.62
C LEU E 120 -23.31 -5.72 8.42
N CYS E 121 -22.61 -4.86 7.69
CA CYS E 121 -23.16 -3.53 7.40
C CYS E 121 -24.38 -3.63 6.50
N GLY E 122 -24.35 -4.54 5.51
CA GLY E 122 -25.51 -4.71 4.66
C GLY E 122 -26.70 -5.28 5.39
N LEU E 123 -26.47 -6.22 6.31
CA LEU E 123 -27.57 -6.82 7.06
C LEU E 123 -28.28 -5.78 7.94
N VAL E 124 -27.51 -4.88 8.56
CA VAL E 124 -28.12 -3.86 9.39
C VAL E 124 -28.91 -2.86 8.55
N LEU E 125 -28.35 -2.45 7.41
CA LEU E 125 -29.05 -1.52 6.53
C LEU E 125 -30.32 -2.15 5.98
N THR E 126 -30.26 -3.41 5.55
CA THR E 126 -31.43 -4.08 4.99
C THR E 126 -32.54 -4.18 6.03
N ASP E 127 -32.20 -4.57 7.26
CA ASP E 127 -33.21 -4.65 8.31
C ASP E 127 -33.75 -3.27 8.67
N PHE E 128 -32.89 -2.26 8.70
CA PHE E 128 -33.33 -0.92 9.07
C PHE E 128 -34.31 -0.37 8.04
N LEU E 129 -33.99 -0.52 6.76
CA LEU E 129 -34.93 -0.09 5.72
C LEU E 129 -36.18 -0.96 5.70
N GLY E 130 -36.01 -2.27 5.93
CA GLY E 130 -37.16 -3.16 5.94
C GLY E 130 -38.17 -2.80 7.00
N LEU E 131 -37.70 -2.38 8.17
CA LEU E 131 -38.57 -1.91 9.24
C LEU E 131 -39.02 -0.47 9.05
N LEU E 132 -38.50 0.22 8.03
CA LEU E 132 -38.90 1.59 7.73
C LEU E 132 -39.86 1.68 6.55
N VAL E 133 -39.62 0.90 5.50
CA VAL E 133 -40.52 0.91 4.34
C VAL E 133 -41.85 0.28 4.71
N THR E 134 -41.83 -1.01 5.08
CA THR E 134 -43.05 -1.68 5.50
C THR E 134 -43.52 -1.23 6.87
N GLY E 135 -42.63 -0.62 7.67
CA GLY E 135 -43.03 -0.14 8.98
C GLY E 135 -44.02 1.01 8.90
N THR E 136 -43.77 1.96 7.99
CA THR E 136 -44.68 3.10 7.86
C THR E 136 -45.97 2.74 7.14
N ILE E 137 -45.90 1.81 6.18
CA ILE E 137 -47.09 1.44 5.41
C ILE E 137 -48.13 0.79 6.31
N VAL E 138 -47.70 -0.19 7.11
CA VAL E 138 -48.65 -0.93 7.94
C VAL E 138 -49.24 -0.03 9.02
N VAL E 139 -48.40 0.80 9.66
CA VAL E 139 -48.88 1.72 10.69
C VAL E 139 -49.86 2.72 10.10
N SER E 140 -49.56 3.23 8.92
CA SER E 140 -50.44 4.24 8.30
C SER E 140 -51.82 3.67 8.02
N GLN E 141 -51.90 2.45 7.49
CA GLN E 141 -53.19 1.89 7.11
C GLN E 141 -54.12 1.72 8.30
N HIS E 142 -53.55 1.52 9.50
CA HIS E 142 -54.37 1.49 10.70
C HIS E 142 -54.92 2.86 11.08
N ALA E 143 -54.30 3.94 10.58
CA ALA E 143 -54.74 5.29 10.90
C ALA E 143 -55.25 6.04 9.69
N ALA E 144 -54.47 6.14 8.62
CA ALA E 144 -54.83 6.91 7.43
C ALA E 144 -55.05 5.98 6.25
N LEU E 145 -56.10 6.25 5.48
CA LEU E 145 -56.48 5.45 4.31
C LEU E 145 -56.71 3.99 4.71
N PHE E 146 -57.66 3.80 5.63
CA PHE E 146 -57.95 2.46 6.14
C PHE E 146 -58.42 1.53 5.03
N GLU E 147 -59.29 2.01 4.16
CA GLU E 147 -59.72 1.20 3.03
C GLU E 147 -58.57 1.06 2.03
N TRP E 148 -58.42 -0.14 1.48
CA TRP E 148 -57.36 -0.40 0.52
C TRP E 148 -57.87 -0.38 -0.92
N HIS E 149 -59.10 -0.83 -1.16
CA HIS E 149 -59.67 -0.86 -2.50
C HIS E 149 -60.25 0.47 -2.93
N ALA E 150 -60.35 1.44 -2.02
CA ALA E 150 -60.89 2.76 -2.31
C ALA E 150 -59.81 3.83 -2.33
N VAL E 151 -58.93 3.85 -1.33
CA VAL E 151 -57.82 4.80 -1.33
C VAL E 151 -56.87 4.51 -2.48
N ASP E 152 -56.57 3.24 -2.72
CA ASP E 152 -55.68 2.82 -3.81
C ASP E 152 -56.38 1.73 -4.62
N PRO E 153 -57.38 2.10 -5.43
CA PRO E 153 -58.04 1.08 -6.27
C PRO E 153 -57.11 0.36 -7.21
N GLY E 154 -56.10 1.05 -7.75
CA GLY E 154 -55.09 0.37 -8.55
C GLY E 154 -54.23 -0.55 -7.69
N CYS E 155 -53.83 -1.67 -8.29
CA CYS E 155 -53.03 -2.68 -7.60
C CYS E 155 -51.54 -2.33 -7.56
N ARG E 156 -51.18 -1.08 -7.83
CA ARG E 156 -49.77 -0.69 -7.86
C ARG E 156 -49.13 -0.87 -6.49
N LEU E 157 -49.83 -0.48 -5.43
CA LEU E 157 -49.25 -0.55 -4.09
C LEU E 157 -48.99 -1.99 -3.67
N CYS E 158 -49.94 -2.89 -3.97
CA CYS E 158 -49.78 -4.28 -3.58
C CYS E 158 -48.57 -4.91 -4.27
N ARG E 159 -48.35 -4.58 -5.54
CA ARG E 159 -47.15 -5.05 -6.23
C ARG E 159 -45.90 -4.54 -5.55
N PHE E 160 -45.89 -3.26 -5.18
CA PHE E 160 -44.76 -2.70 -4.45
C PHE E 160 -44.64 -3.33 -3.06
N MET E 161 -45.77 -3.44 -2.35
CA MET E 161 -45.75 -4.04 -1.03
C MET E 161 -45.36 -5.51 -1.08
N GLY E 162 -45.86 -6.23 -2.09
CA GLY E 162 -45.54 -7.64 -2.21
C GLY E 162 -44.07 -7.89 -2.49
N VAL E 163 -43.48 -7.08 -3.36
CA VAL E 163 -42.06 -7.24 -3.69
C VAL E 163 -41.19 -6.81 -2.51
N VAL E 164 -41.52 -5.67 -1.90
CA VAL E 164 -40.69 -5.15 -0.80
C VAL E 164 -40.71 -6.06 0.41
N MET E 165 -41.75 -6.90 0.56
CA MET E 165 -41.74 -7.88 1.64
C MET E 165 -40.74 -9.00 1.35
N ILE E 166 -40.76 -9.54 0.13
CA ILE E 166 -39.88 -10.65 -0.22
C ILE E 166 -38.42 -10.19 -0.27
N PHE E 167 -38.19 -8.97 -0.77
CA PHE E 167 -36.82 -8.46 -0.85
C PHE E 167 -36.24 -8.21 0.53
N PHE E 168 -37.01 -7.60 1.42
CA PHE E 168 -36.54 -7.28 2.77
C PHE E 168 -36.70 -8.45 3.74
N GLY E 169 -37.19 -9.59 3.28
CA GLY E 169 -37.32 -10.75 4.15
C GLY E 169 -36.36 -11.87 3.78
N LEU E 170 -36.11 -12.05 2.49
CA LEU E 170 -35.17 -13.07 2.03
C LEU E 170 -33.73 -12.57 1.99
N SER E 171 -33.51 -11.26 2.13
CA SER E 171 -32.14 -10.77 2.27
C SER E 171 -31.50 -11.24 3.57
N PRO E 172 -32.13 -11.12 4.75
CA PRO E 172 -31.45 -11.58 5.97
C PRO E 172 -31.13 -13.07 5.95
N LEU E 173 -31.98 -13.89 5.34
CA LEU E 173 -31.69 -15.31 5.25
C LEU E 173 -30.46 -15.57 4.39
N LEU E 174 -30.36 -14.89 3.25
CA LEU E 174 -29.20 -15.08 2.38
C LEU E 174 -27.96 -14.45 2.99
N LEU E 175 -28.08 -13.24 3.52
CA LEU E 175 -26.95 -12.61 4.21
C LEU E 175 -26.54 -13.41 5.43
N GLY E 176 -27.52 -13.93 6.18
CA GLY E 176 -27.21 -14.81 7.30
C GLY E 176 -26.49 -16.06 6.86
N ALA E 177 -26.84 -16.59 5.69
CA ALA E 177 -26.14 -17.74 5.13
C ALA E 177 -24.83 -17.34 4.46
N ALA E 178 -24.61 -16.06 4.19
CA ALA E 178 -23.34 -15.61 3.65
C ALA E 178 -22.32 -15.41 4.76
N MET E 179 -22.71 -14.77 5.86
CA MET E 179 -21.81 -14.61 6.99
C MET E 179 -21.46 -15.95 7.62
N ALA E 180 -22.38 -16.91 7.56
CA ALA E 180 -22.08 -18.25 8.07
C ALA E 180 -20.94 -18.90 7.28
N SER E 181 -20.94 -18.72 5.96
CA SER E 181 -19.84 -19.24 5.14
C SER E 181 -18.54 -18.51 5.45
N GLU E 182 -18.61 -17.19 5.64
CA GLU E 182 -17.40 -16.43 5.97
C GLU E 182 -16.81 -16.88 7.30
N ARG E 183 -17.66 -17.07 8.31
CA ARG E 183 -17.17 -17.57 9.60
C ARG E 183 -16.70 -19.01 9.49
N TYR E 184 -17.33 -19.81 8.64
CA TYR E 184 -16.93 -21.21 8.49
C TYR E 184 -15.52 -21.33 7.92
N LEU E 185 -15.20 -20.54 6.90
CA LEU E 185 -13.88 -20.61 6.29
C LEU E 185 -12.82 -19.94 7.15
N GLY E 186 -13.18 -18.91 7.91
CA GLY E 186 -12.25 -18.24 8.78
C GLY E 186 -11.97 -18.93 10.09
N ILE E 187 -12.62 -20.07 10.35
CA ILE E 187 -12.43 -20.84 11.57
C ILE E 187 -11.97 -22.26 11.28
N THR E 188 -12.60 -22.93 10.31
CA THR E 188 -12.22 -24.30 9.98
C THR E 188 -10.84 -24.35 9.33
N ARG E 189 -10.59 -23.47 8.37
CA ARG E 189 -9.31 -23.39 7.66
C ARG E 189 -8.82 -21.96 7.69
N PRO E 190 -8.14 -21.57 8.76
CA PRO E 190 -7.70 -20.16 8.90
C PRO E 190 -6.76 -19.70 7.81
N PHE E 191 -5.92 -20.60 7.28
CA PHE E 191 -4.91 -20.19 6.30
C PHE E 191 -5.49 -19.86 4.94
N SER E 192 -6.71 -20.32 4.64
CA SER E 192 -7.34 -20.01 3.36
C SER E 192 -7.63 -18.52 3.21
N ARG E 193 -8.04 -17.87 4.29
CA ARG E 193 -8.41 -16.46 4.24
C ARG E 193 -7.17 -15.58 4.11
N PRO E 194 -7.07 -14.74 3.09
CA PRO E 194 -5.95 -13.80 2.99
C PRO E 194 -6.13 -12.61 3.93
N ALA E 195 -5.07 -11.82 4.04
CA ALA E 195 -5.07 -10.68 4.95
C ALA E 195 -5.83 -9.47 4.43
N VAL E 196 -5.69 -9.13 3.15
CA VAL E 196 -6.34 -7.91 2.65
C VAL E 196 -7.86 -8.00 2.73
N ALA E 197 -8.43 -9.14 2.39
CA ALA E 197 -9.88 -9.35 2.46
C ALA E 197 -10.60 -8.22 1.72
N SER E 198 -10.34 -8.14 0.41
CA SER E 198 -10.82 -7.03 -0.42
C SER E 198 -12.32 -6.80 -0.24
N GLN E 199 -12.66 -5.51 -0.07
CA GLN E 199 -14.05 -5.09 0.12
C GLN E 199 -14.83 -5.09 -1.18
N ARG E 200 -14.18 -4.80 -2.30
CA ARG E 200 -14.86 -4.82 -3.59
C ARG E 200 -15.40 -6.21 -3.89
N ARG E 201 -14.62 -7.25 -3.61
CA ARG E 201 -15.08 -8.61 -3.84
C ARG E 201 -16.05 -9.09 -2.77
N ALA E 202 -16.33 -8.25 -1.77
CA ALA E 202 -17.27 -8.55 -0.69
C ALA E 202 -18.59 -7.82 -0.83
N TRP E 203 -18.59 -6.59 -1.34
CA TRP E 203 -19.83 -5.91 -1.67
C TRP E 203 -20.50 -6.51 -2.90
N ALA E 204 -19.77 -7.30 -3.68
CA ALA E 204 -20.38 -8.00 -4.81
C ALA E 204 -21.30 -9.11 -4.32
N THR E 205 -20.87 -9.86 -3.31
CA THR E 205 -21.71 -10.92 -2.76
C THR E 205 -22.94 -10.34 -2.08
N VAL E 206 -22.79 -9.21 -1.39
CA VAL E 206 -23.95 -8.52 -0.84
C VAL E 206 -24.87 -8.05 -1.98
N GLY E 207 -24.28 -7.62 -3.09
CA GLY E 207 -25.08 -7.21 -4.23
C GLY E 207 -25.87 -8.36 -4.82
N LEU E 208 -25.21 -9.51 -5.01
CA LEU E 208 -25.89 -10.68 -5.53
C LEU E 208 -26.99 -11.15 -4.59
N VAL E 209 -26.78 -11.03 -3.28
CA VAL E 209 -27.81 -11.36 -2.31
C VAL E 209 -29.02 -10.46 -2.49
N TRP E 210 -28.77 -9.15 -2.65
CA TRP E 210 -29.86 -8.21 -2.88
C TRP E 210 -30.56 -8.49 -4.20
N ALA E 211 -29.79 -8.82 -5.24
CA ALA E 211 -30.39 -9.10 -6.54
C ALA E 211 -31.18 -10.41 -6.52
N ALA E 212 -30.60 -11.46 -5.93
CA ALA E 212 -31.28 -12.75 -5.90
C ALA E 212 -32.58 -12.67 -5.09
N ALA E 213 -32.57 -11.91 -3.99
CA ALA E 213 -33.81 -11.68 -3.25
C ALA E 213 -34.82 -10.93 -4.10
N LEU E 214 -34.37 -9.91 -4.84
CA LEU E 214 -35.26 -9.16 -5.70
C LEU E 214 -35.72 -9.98 -6.90
N ALA E 215 -34.87 -10.89 -7.37
CA ALA E 215 -35.25 -11.72 -8.51
C ALA E 215 -36.47 -12.60 -8.20
N LEU E 216 -36.51 -13.17 -6.99
CA LEU E 216 -37.67 -13.95 -6.59
C LEU E 216 -38.89 -13.08 -6.38
N GLY E 217 -38.71 -11.84 -5.91
CA GLY E 217 -39.84 -10.98 -5.63
C GLY E 217 -40.60 -10.56 -6.88
N LEU E 218 -39.94 -10.56 -8.03
CA LEU E 218 -40.54 -10.11 -9.27
C LEU E 218 -41.24 -11.24 -10.04
N LEU E 219 -41.13 -12.49 -9.55
CA LEU E 219 -41.83 -13.59 -10.21
C LEU E 219 -43.34 -13.42 -10.23
N PRO E 220 -44.02 -13.02 -9.13
CA PRO E 220 -45.47 -12.78 -9.23
C PRO E 220 -45.84 -11.71 -10.24
N LEU E 221 -44.98 -10.70 -10.42
CA LEU E 221 -45.24 -9.66 -11.40
C LEU E 221 -45.12 -10.17 -12.84
N LEU E 222 -44.59 -11.38 -13.04
CA LEU E 222 -44.45 -11.96 -14.37
C LEU E 222 -45.33 -13.17 -14.59
N GLY E 223 -46.34 -13.36 -13.75
CA GLY E 223 -47.36 -14.38 -13.97
C GLY E 223 -47.20 -15.66 -13.18
N VAL E 224 -46.18 -15.78 -12.35
CA VAL E 224 -45.97 -16.95 -11.50
C VAL E 224 -46.22 -16.51 -10.07
N GLY E 225 -47.41 -16.83 -9.55
CA GLY E 225 -47.84 -16.33 -8.26
C GLY E 225 -48.40 -14.92 -8.37
N ARG E 226 -48.95 -14.46 -7.25
CA ARG E 226 -49.57 -13.13 -7.23
C ARG E 226 -49.59 -12.61 -5.81
N TYR E 227 -49.67 -11.29 -5.70
CA TYR E 227 -49.73 -10.59 -4.42
C TYR E 227 -51.17 -10.15 -4.16
N THR E 228 -51.72 -10.55 -3.02
CA THR E 228 -53.08 -10.21 -2.64
C THR E 228 -53.10 -9.71 -1.21
N VAL E 229 -54.11 -8.90 -0.90
CA VAL E 229 -54.26 -8.37 0.45
C VAL E 229 -54.64 -9.50 1.40
N GLN E 230 -53.90 -9.63 2.50
CA GLN E 230 -54.11 -10.68 3.48
C GLN E 230 -54.80 -10.12 4.71
N TYR E 231 -55.18 -11.03 5.61
CA TYR E 231 -55.78 -10.62 6.86
C TYR E 231 -54.76 -9.83 7.69
N PRO E 232 -55.19 -8.77 8.39
CA PRO E 232 -56.56 -8.22 8.47
C PRO E 232 -56.86 -7.18 7.39
N GLY E 233 -55.98 -7.00 6.42
CA GLY E 233 -56.19 -5.99 5.40
C GLY E 233 -55.29 -4.78 5.53
N SER E 234 -54.02 -5.01 5.86
CA SER E 234 -53.05 -3.93 5.96
C SER E 234 -51.70 -4.28 5.35
N TRP E 235 -51.59 -5.42 4.67
CA TRP E 235 -50.34 -5.83 4.05
C TRP E 235 -50.63 -6.81 2.93
N CYS E 236 -49.78 -6.77 1.90
CA CYS E 236 -49.88 -7.69 0.77
C CYS E 236 -48.76 -8.72 0.85
N PHE E 237 -49.05 -9.92 0.35
CA PHE E 237 -48.14 -11.05 0.47
C PHE E 237 -48.49 -12.04 -0.63
N LEU E 238 -47.65 -13.07 -0.78
CA LEU E 238 -47.93 -14.12 -1.75
C LEU E 238 -49.21 -14.85 -1.37
N THR E 239 -49.98 -15.23 -2.38
CA THR E 239 -51.29 -15.82 -2.17
C THR E 239 -51.18 -17.34 -2.06
N LEU E 240 -51.80 -17.89 -1.02
CA LEU E 240 -51.76 -19.33 -0.78
C LEU E 240 -52.95 -20.00 -1.48
N GLY E 241 -52.86 -20.01 -2.81
CA GLY E 241 -53.88 -20.61 -3.64
C GLY E 241 -53.53 -22.03 -4.07
N ALA E 242 -54.44 -22.60 -4.86
CA ALA E 242 -54.23 -23.92 -5.45
C ALA E 242 -53.78 -23.84 -6.90
N GLU E 243 -53.55 -22.65 -7.42
CA GLU E 243 -53.15 -22.49 -8.81
C GLU E 243 -51.73 -23.02 -9.03
N SER E 244 -51.42 -23.32 -10.30
CA SER E 244 -50.09 -23.82 -10.63
C SER E 244 -49.02 -22.78 -10.33
N GLY E 245 -49.30 -21.51 -10.61
CA GLY E 245 -48.34 -20.46 -10.30
C GLY E 245 -48.12 -20.28 -8.81
N ASP E 246 -49.20 -20.34 -8.02
CA ASP E 246 -49.07 -20.14 -6.58
C ASP E 246 -48.29 -21.27 -5.94
N VAL E 247 -48.55 -22.52 -6.33
CA VAL E 247 -47.83 -23.65 -5.77
C VAL E 247 -46.36 -23.58 -6.13
N ALA E 248 -46.05 -23.27 -7.39
CA ALA E 248 -44.65 -23.19 -7.81
C ALA E 248 -43.91 -22.06 -7.10
N PHE E 249 -44.54 -20.90 -6.97
CA PHE E 249 -43.87 -19.77 -6.33
C PHE E 249 -43.82 -19.95 -4.82
N GLY E 250 -44.89 -20.47 -4.22
CA GLY E 250 -44.92 -20.65 -2.78
C GLY E 250 -43.88 -21.64 -2.29
N LEU E 251 -43.76 -22.78 -2.97
CA LEU E 251 -42.77 -23.77 -2.58
C LEU E 251 -41.36 -23.30 -2.88
N LEU E 252 -41.17 -22.55 -3.97
CA LEU E 252 -39.84 -22.02 -4.28
C LEU E 252 -39.37 -21.04 -3.21
N PHE E 253 -40.28 -20.18 -2.73
CA PHE E 253 -39.92 -19.25 -1.67
C PHE E 253 -39.53 -19.99 -0.40
N SER E 254 -40.29 -21.04 -0.05
CA SER E 254 -39.95 -21.84 1.12
C SER E 254 -38.64 -22.59 0.92
N MET E 255 -38.40 -23.10 -0.30
CA MET E 255 -37.17 -23.83 -0.57
C MET E 255 -35.95 -22.93 -0.45
N LEU E 256 -36.02 -21.73 -1.03
CA LEU E 256 -34.90 -20.80 -0.94
C LEU E 256 -34.67 -20.36 0.50
N GLY E 257 -35.76 -20.01 1.21
CA GLY E 257 -35.62 -19.66 2.62
C GLY E 257 -35.20 -20.83 3.48
N GLY E 258 -35.80 -21.99 3.23
CA GLY E 258 -35.49 -23.16 4.05
C GLY E 258 -34.05 -23.63 3.88
N LEU E 259 -33.53 -23.57 2.66
CA LEU E 259 -32.14 -23.94 2.43
C LEU E 259 -31.19 -22.94 3.07
N SER E 260 -31.52 -21.65 2.99
CA SER E 260 -30.67 -20.63 3.60
C SER E 260 -30.60 -20.81 5.12
N VAL E 261 -31.74 -21.07 5.76
CA VAL E 261 -31.74 -21.38 7.18
C VAL E 261 -31.04 -22.71 7.44
N GLY E 262 -31.28 -23.70 6.58
CA GLY E 262 -30.61 -24.97 6.73
C GLY E 262 -29.11 -24.88 6.54
N LEU E 263 -28.66 -24.00 5.64
CA LEU E 263 -27.23 -23.85 5.40
C LEU E 263 -26.57 -23.10 6.56
N SER E 264 -27.23 -22.05 7.07
CA SER E 264 -26.69 -21.32 8.21
C SER E 264 -26.55 -22.23 9.43
N PHE E 265 -27.57 -23.04 9.71
CA PHE E 265 -27.51 -23.94 10.85
C PHE E 265 -26.44 -25.01 10.66
N LEU E 266 -26.33 -25.55 9.44
CA LEU E 266 -25.35 -26.61 9.20
C LEU E 266 -23.92 -26.10 9.33
N LEU E 267 -23.64 -24.92 8.76
CA LEU E 267 -22.29 -24.37 8.83
C LEU E 267 -21.94 -23.93 10.24
N ASN E 268 -22.88 -23.31 10.95
CA ASN E 268 -22.60 -22.84 12.31
C ASN E 268 -22.55 -23.97 13.32
N THR E 269 -23.00 -25.18 12.97
CA THR E 269 -22.74 -26.34 13.84
C THR E 269 -21.29 -26.78 13.73
N VAL E 270 -20.75 -26.83 12.51
CA VAL E 270 -19.37 -27.28 12.32
C VAL E 270 -18.41 -26.32 12.98
N SER E 271 -18.66 -25.01 12.85
CA SER E 271 -17.80 -24.02 13.48
C SER E 271 -17.79 -24.17 15.00
N VAL E 272 -18.96 -24.39 15.59
CA VAL E 272 -19.01 -24.65 17.03
C VAL E 272 -18.34 -25.98 17.36
N ALA E 273 -18.52 -26.99 16.51
CA ALA E 273 -17.86 -28.27 16.72
C ALA E 273 -16.35 -28.16 16.51
N THR E 274 -15.90 -27.26 15.63
CA THR E 274 -14.47 -27.08 15.42
C THR E 274 -13.83 -26.31 16.57
N LEU E 275 -14.55 -25.34 17.13
CA LEU E 275 -14.03 -24.61 18.29
C LEU E 275 -13.96 -25.50 19.53
N CYS E 276 -14.90 -26.43 19.69
CA CYS E 276 -14.86 -27.34 20.82
C CYS E 276 -13.61 -28.21 20.78
N HIS E 277 -13.21 -28.66 19.58
CA HIS E 277 -11.96 -29.39 19.45
C HIS E 277 -10.76 -28.53 19.85
N VAL E 278 -10.78 -27.25 19.46
CA VAL E 278 -9.72 -26.33 19.86
C VAL E 278 -9.81 -26.02 21.35
N TYR E 279 -11.02 -25.75 21.84
CA TYR E 279 -11.19 -25.34 23.24
C TYR E 279 -10.77 -26.46 24.18
N HIS E 280 -11.11 -27.70 23.85
CA HIS E 280 -10.78 -28.83 24.72
C HIS E 280 -9.29 -29.16 24.73
N GLY E 281 -8.50 -28.53 23.86
CA GLY E 281 -7.08 -28.80 23.80
C GLY E 281 -6.35 -28.63 25.11
N GLN E 282 -5.56 -29.63 25.50
CA GLN E 282 -4.89 -29.60 26.80
C GLN E 282 -3.88 -28.45 26.86
N GLU E 283 -3.13 -28.23 25.77
CA GLU E 283 -2.21 -27.10 25.74
C GLU E 283 -2.98 -25.78 25.81
N ALA E 284 -4.09 -25.67 25.10
CA ALA E 284 -4.91 -24.45 25.13
C ALA E 284 -5.48 -24.16 26.51
N ALA E 285 -5.57 -25.18 27.37
CA ALA E 285 -6.07 -24.95 28.73
C ALA E 285 -5.11 -24.11 29.56
N GLN E 286 -3.80 -24.31 29.37
CA GLN E 286 -2.79 -23.61 30.17
C GLN E 286 -1.97 -22.60 29.39
N GLN E 287 -1.77 -22.81 28.09
CA GLN E 287 -0.95 -21.88 27.31
C GLN E 287 -1.58 -20.50 27.21
N ARG E 288 -2.92 -20.43 27.19
CA ARG E 288 -3.59 -19.14 27.09
C ARG E 288 -5.01 -19.28 27.63
N PRO E 289 -5.53 -18.28 28.33
CA PRO E 289 -6.96 -18.30 28.68
C PRO E 289 -7.83 -18.11 27.44
N ARG E 290 -8.57 -19.16 27.09
CA ARG E 290 -9.36 -19.17 25.85
C ARG E 290 -10.79 -18.73 26.14
N ASP E 291 -10.92 -17.45 26.52
CA ASP E 291 -12.22 -16.83 26.69
C ASP E 291 -12.70 -16.11 25.43
N SER E 292 -11.88 -16.05 24.38
CA SER E 292 -12.31 -15.47 23.12
C SER E 292 -13.20 -16.42 22.33
N GLU E 293 -12.94 -17.74 22.43
CA GLU E 293 -13.80 -18.71 21.76
C GLU E 293 -15.14 -18.86 22.47
N VAL E 294 -15.18 -18.64 23.78
CA VAL E 294 -16.44 -18.65 24.50
C VAL E 294 -17.34 -17.52 24.00
N GLU E 295 -16.74 -16.37 23.75
CA GLU E 295 -17.48 -15.18 23.24
C GLU E 295 -18.01 -15.50 21.83
N MET E 296 -17.33 -16.38 21.10
CA MET E 296 -17.74 -16.76 19.75
C MET E 296 -18.70 -17.95 19.75
N MET E 297 -18.51 -18.90 20.66
CA MET E 297 -19.47 -20.01 20.78
C MET E 297 -20.85 -19.49 21.13
N ALA E 298 -20.93 -18.49 22.01
CA ALA E 298 -22.22 -17.90 22.34
C ALA E 298 -22.85 -17.23 21.13
N GLN E 299 -22.04 -16.56 20.32
CA GLN E 299 -22.57 -15.83 19.16
C GLN E 299 -23.13 -16.79 18.12
N LEU E 300 -22.39 -17.86 17.81
CA LEU E 300 -22.86 -18.82 16.82
C LEU E 300 -24.12 -19.53 17.29
N LEU E 301 -24.18 -19.87 18.57
CA LEU E 301 -25.37 -20.54 19.10
C LEU E 301 -26.59 -19.62 19.03
N GLY E 302 -26.41 -18.33 19.28
CA GLY E 302 -27.51 -17.38 19.12
C GLY E 302 -28.03 -17.34 17.70
N ILE E 303 -27.13 -17.45 16.72
CA ILE E 303 -27.56 -17.49 15.33
C ILE E 303 -28.35 -18.75 15.04
N MET E 304 -27.88 -19.90 15.54
CA MET E 304 -28.54 -21.17 15.27
C MET E 304 -29.92 -21.25 15.91
N VAL E 305 -30.20 -20.43 16.92
CA VAL E 305 -31.48 -20.43 17.60
C VAL E 305 -32.43 -19.39 17.03
N VAL E 306 -31.98 -18.13 16.95
CA VAL E 306 -32.85 -17.06 16.47
C VAL E 306 -33.28 -17.30 15.03
N ALA E 307 -32.33 -17.68 14.17
CA ALA E 307 -32.66 -17.90 12.76
C ALA E 307 -33.63 -19.06 12.59
N SER E 308 -33.41 -20.16 13.31
CA SER E 308 -34.27 -21.34 13.13
C SER E 308 -35.63 -21.15 13.80
N VAL E 309 -35.67 -20.59 15.00
CA VAL E 309 -36.94 -20.47 15.71
C VAL E 309 -37.85 -19.46 15.03
N CYS E 310 -37.31 -18.34 14.56
CA CYS E 310 -38.14 -17.29 13.98
C CYS E 310 -38.62 -17.61 12.57
N TRP E 311 -37.84 -18.34 11.79
CA TRP E 311 -38.13 -18.51 10.37
C TRP E 311 -38.65 -19.88 9.97
N LEU E 312 -38.20 -20.95 10.61
CA LEU E 312 -38.67 -22.29 10.22
C LEU E 312 -40.18 -22.46 10.34
N PRO E 313 -40.87 -22.01 11.40
CA PRO E 313 -42.33 -22.17 11.43
C PRO E 313 -43.03 -21.52 10.25
N LEU E 314 -42.62 -20.31 9.86
CA LEU E 314 -43.27 -19.63 8.75
C LEU E 314 -43.00 -20.35 7.43
N LEU E 315 -41.78 -20.84 7.22
CA LEU E 315 -41.46 -21.52 5.98
C LEU E 315 -42.11 -22.90 5.90
N VAL E 316 -42.19 -23.60 7.04
CA VAL E 316 -42.88 -24.89 7.05
C VAL E 316 -44.38 -24.70 6.88
N PHE E 317 -44.93 -23.63 7.46
CA PHE E 317 -46.37 -23.38 7.35
C PHE E 317 -46.79 -23.18 5.90
N ILE E 318 -46.00 -22.42 5.13
CA ILE E 318 -46.34 -22.19 3.72
C ILE E 318 -46.28 -23.49 2.93
N ALA E 319 -45.26 -24.32 3.21
CA ALA E 319 -45.10 -25.56 2.46
C ALA E 319 -46.28 -26.50 2.67
N GLN E 320 -46.75 -26.63 3.92
CA GLN E 320 -47.88 -27.52 4.19
C GLN E 320 -49.20 -26.91 3.71
N THR E 321 -49.37 -25.60 3.89
CA THR E 321 -50.62 -24.95 3.50
C THR E 321 -50.85 -25.06 2.00
N VAL E 322 -49.79 -24.89 1.20
CA VAL E 322 -49.92 -24.95 -0.25
C VAL E 322 -50.33 -26.35 -0.70
N LEU E 323 -49.75 -27.38 -0.09
CA LEU E 323 -49.94 -28.76 -0.51
C LEU E 323 -51.14 -29.42 0.17
N ARG E 324 -51.93 -28.67 0.93
CA ARG E 324 -53.07 -29.25 1.63
C ARG E 324 -54.13 -29.73 0.64
N ASN E 325 -54.69 -30.91 0.93
CA ASN E 325 -55.82 -31.45 0.17
C ASN E 325 -56.97 -31.72 1.12
N PRO E 326 -58.09 -31.00 1.04
CA PRO E 326 -58.44 -29.97 0.05
C PRO E 326 -57.66 -28.67 0.25
N PRO E 327 -57.52 -27.87 -0.81
CA PRO E 327 -56.78 -26.61 -0.68
C PRO E 327 -57.41 -25.69 0.36
N ALA E 328 -56.54 -24.97 1.08
CA ALA E 328 -56.99 -24.08 2.14
C ALA E 328 -57.75 -22.87 1.62
N MET E 329 -57.71 -22.60 0.32
CA MET E 329 -58.41 -21.47 -0.28
C MET E 329 -59.63 -21.97 -1.04
N SER E 330 -60.77 -21.33 -0.79
CA SER E 330 -61.99 -21.67 -1.50
C SER E 330 -61.86 -21.26 -2.97
N PRO E 331 -62.61 -21.92 -3.86
CA PRO E 331 -62.57 -21.52 -5.28
C PRO E 331 -62.94 -20.07 -5.51
N ALA E 332 -63.81 -19.50 -4.67
CA ALA E 332 -64.12 -18.08 -4.75
C ALA E 332 -62.91 -17.22 -4.40
N GLY E 333 -61.94 -17.76 -3.66
CA GLY E 333 -60.75 -17.03 -3.30
C GLY E 333 -60.76 -16.52 -1.87
N GLN E 334 -61.24 -17.35 -0.95
CA GLN E 334 -61.30 -16.99 0.46
C GLN E 334 -60.65 -18.09 1.29
N LEU E 335 -59.74 -17.69 2.17
CA LEU E 335 -59.09 -18.63 3.09
C LEU E 335 -59.94 -18.81 4.34
N SER E 336 -59.71 -19.93 5.03
CA SER E 336 -60.34 -20.16 6.32
C SER E 336 -59.81 -19.16 7.34
N ARG E 337 -60.68 -18.79 8.30
CA ARG E 337 -60.33 -17.75 9.26
C ARG E 337 -59.14 -18.16 10.12
N THR E 338 -59.08 -19.44 10.51
CA THR E 338 -57.96 -19.92 11.32
C THR E 338 -56.65 -19.82 10.54
N THR E 339 -56.66 -20.20 9.26
CA THR E 339 -55.45 -20.09 8.44
C THR E 339 -55.03 -18.63 8.30
N GLU E 340 -55.98 -17.73 8.12
CA GLU E 340 -55.65 -16.30 8.06
C GLU E 340 -55.05 -15.81 9.37
N LYS E 341 -55.47 -16.38 10.50
CA LYS E 341 -54.87 -16.03 11.79
C LYS E 341 -53.48 -16.64 11.94
N GLU E 342 -53.32 -17.91 11.54
CA GLU E 342 -52.03 -18.58 11.72
C GLU E 342 -50.94 -17.94 10.88
N LEU E 343 -51.25 -17.56 9.63
CA LEU E 343 -50.25 -16.92 8.78
C LEU E 343 -49.82 -15.58 9.37
N LEU E 344 -50.77 -14.80 9.90
CA LEU E 344 -50.42 -13.53 10.53
C LEU E 344 -49.59 -13.75 11.78
N ILE E 345 -49.93 -14.75 12.60
CA ILE E 345 -49.19 -15.01 13.83
C ILE E 345 -47.77 -15.48 13.51
N TYR E 346 -47.65 -16.43 12.58
CA TYR E 346 -46.33 -16.94 12.22
C TYR E 346 -45.47 -15.88 11.56
N LEU E 347 -46.08 -14.94 10.84
CA LEU E 347 -45.30 -13.87 10.23
C LEU E 347 -44.70 -12.94 11.28
N ARG E 348 -45.47 -12.61 12.32
CA ARG E 348 -44.96 -11.72 13.36
C ARG E 348 -43.80 -12.36 14.12
N VAL E 349 -43.77 -13.69 14.21
CA VAL E 349 -42.62 -14.36 14.80
C VAL E 349 -41.38 -14.14 13.93
N ALA E 350 -41.53 -14.28 12.61
CA ALA E 350 -40.40 -14.07 11.71
C ALA E 350 -39.99 -12.60 11.64
N THR E 351 -40.85 -11.68 12.07
CA THR E 351 -40.46 -10.28 12.12
C THR E 351 -39.36 -10.03 13.14
N TRP E 352 -39.34 -10.80 14.23
CA TRP E 352 -38.34 -10.59 15.26
C TRP E 352 -36.95 -11.04 14.84
N ASN E 353 -36.83 -11.86 13.80
CA ASN E 353 -35.51 -12.20 13.27
C ASN E 353 -34.79 -10.96 12.78
N GLN E 354 -35.50 -10.07 12.09
CA GLN E 354 -34.92 -8.80 11.67
C GLN E 354 -34.67 -7.86 12.84
N ILE E 355 -35.25 -8.13 14.01
CA ILE E 355 -35.06 -7.29 15.18
C ILE E 355 -33.94 -7.86 16.04
N LEU E 356 -33.81 -9.19 16.06
CA LEU E 356 -32.76 -9.82 16.84
C LEU E 356 -31.45 -9.96 16.09
N ASP E 357 -31.46 -9.84 14.77
CA ASP E 357 -30.21 -9.85 14.02
C ASP E 357 -29.25 -8.74 14.42
N PRO E 358 -29.67 -7.48 14.60
CA PRO E 358 -28.74 -6.47 15.15
C PRO E 358 -28.29 -6.75 16.57
N TRP E 359 -29.01 -7.59 17.32
CA TRP E 359 -28.60 -7.93 18.68
C TRP E 359 -27.63 -9.12 18.70
N VAL E 360 -28.02 -10.24 18.10
CA VAL E 360 -27.21 -11.45 18.18
C VAL E 360 -25.90 -11.27 17.42
N TYR E 361 -25.93 -10.56 16.29
CA TYR E 361 -24.71 -10.34 15.53
C TYR E 361 -23.80 -9.30 16.15
N ILE E 362 -24.35 -8.28 16.78
CA ILE E 362 -23.53 -7.15 17.24
C ILE E 362 -23.70 -6.91 18.74
N LEU E 363 -24.91 -6.56 19.16
CA LEU E 363 -25.09 -5.92 20.45
C LEU E 363 -24.95 -6.87 21.64
N PHE E 364 -24.89 -8.18 21.41
CA PHE E 364 -24.64 -9.12 22.49
C PHE E 364 -23.16 -9.36 22.73
N ARG E 365 -22.28 -8.68 22.02
CA ARG E 365 -20.84 -8.86 22.18
C ARG E 365 -20.34 -8.13 23.41
N ARG E 366 -19.50 -8.82 24.18
CA ARG E 366 -18.88 -8.19 25.35
C ARG E 366 -17.91 -7.10 24.96
N ALA E 367 -17.31 -7.20 23.78
CA ALA E 367 -16.43 -6.15 23.27
C ALA E 367 -17.20 -4.98 22.67
N VAL E 368 -18.52 -5.09 22.55
CA VAL E 368 -19.36 -3.99 22.09
C VAL E 368 -20.13 -3.36 23.24
N LEU E 369 -20.59 -4.17 24.19
CA LEU E 369 -21.28 -3.63 25.35
C LEU E 369 -20.36 -2.76 26.21
N ARG E 370 -19.05 -3.01 26.14
CA ARG E 370 -18.11 -2.21 26.93
C ARG E 370 -18.02 -0.79 26.40
N ARG E 371 -18.10 -0.62 25.07
CA ARG E 371 -17.99 0.72 24.48
C ARG E 371 -19.17 1.60 24.87
N LEU E 372 -20.37 1.01 24.90
CA LEU E 372 -21.57 1.80 25.22
C LEU E 372 -21.52 2.36 26.63
N GLN E 373 -21.05 1.56 27.59
CA GLN E 373 -20.99 1.98 28.98
C GLN E 373 -19.97 3.11 29.18
C10 A1D5A F . -44.73 -5.77 9.24
C13 A1D5A F . -44.26 -3.87 10.46
C15 A1D5A F . -43.12 -5.79 9.79
C17 A1D5A F . -40.87 -6.41 8.88
C21 A1D5A F . -40.54 -9.86 6.20
C22 A1D5A F . -40.92 -10.30 7.46
C24 A1D5A F . -41.55 -12.43 6.52
C26 A1D5A F . -40.67 -10.71 5.10
C02 A1D5A F . -51.00 -5.67 10.99
C04 A1D5A F . -50.24 -6.65 10.08
C05 A1D5A F . -48.71 -6.49 10.18
C06 A1D5A F . -47.96 -7.76 9.75
C07 A1D5A F . -47.57 -7.65 8.25
C08 A1D5A F . -46.27 -7.37 8.02
C09 A1D5A F . -45.32 -7.21 9.25
C11 A1D5A F . -45.36 -5.00 10.10
C14 A1D5A F . -42.86 -4.53 10.16
C16 A1D5A F . -42.18 -6.22 8.65
C18 A1D5A F . -39.95 -6.85 7.73
C19 A1D5A F . -40.79 -7.54 6.64
C23 A1D5A F . -41.43 -11.59 7.62
C25 A1D5A F . -41.17 -11.99 5.27
O01 A1D5A F . -51.06 -5.89 12.23
O03 A1D5A F . -51.57 -4.65 10.50
O12 A1D5A F . -45.68 -5.76 11.30
O20 A1D5A F . -40.02 -8.54 6.03
O28 A1D5A F . -38.99 -7.74 8.22
O29 A1D5A F . -42.04 -4.52 11.36
CL27 A1D5A F . -41.33 -13.08 3.86
#